data_5K3Y
#
_entry.id   5K3Y
#
_cell.length_a   45.907
_cell.length_b   67.295
_cell.length_c   116.618
_cell.angle_alpha   90.000
_cell.angle_beta   96.190
_cell.angle_gamma   90.000
#
_symmetry.space_group_name_H-M   'P 1 21 1'
#
loop_
_entity.id
_entity.type
_entity.pdbx_description
1 polymer 'Aurora kinase B-A'
2 polymer 'Inner centromere protein A'
3 non-polymer N-methyl-N-(1-methylpiperidin-4-yl)-4-{[4-({(1R,2S)-2-[(propan-2-yl)carbamoyl]cyclopentyl}amino)-5-(trifluoromethyl)pyrimidin-2-yl]amino}benzamide
4 water water
#
loop_
_entity_poly.entity_id
_entity_poly.type
_entity_poly.pdbx_seq_one_letter_code
_entity_poly.pdbx_strand_id
1 'polypeptide(L)'
;GTALAEMPKRKFTIDDFDIVRPLGKGKFGNVYLAREKQNKFIMALKVLFKSQLEKEGVEHQLRREIEIQSHLRHPNILRM
YNYFHDRKRIYLMLEFAPRGELYKELQKHGRFDEQRSATFMEELADALHYCHERKVIHRDIKPENLLMGYKGELKIADFG
WSVHAPSLRRR(TPO)MCGTLDYLPPEMIEGKTHDEKVDLWCAGVLCYEFLVGMPPFDSPSHTETHRRIVNVDLKFPPFL
SDGSKDLISKLLRYHPPQRLPLKGVMEHPWVKANSRRVLPPVYQ
;
A,B
2 'polypeptide(L)' MDESQPRKPIPAWASGNLLTQAIRQQYYKPIDVDRMYGTIDSPKLEELFNKSKPRYFKR C,D
#
loop_
_chem_comp.id
_chem_comp.type
_chem_comp.name
_chem_comp.formula
6Q4 non-polymer N-methyl-N-(1-methylpiperidin-4-yl)-4-{[4-({(1R,2S)-2-[(propan-2-yl)carbamoyl]cyclopentyl}amino)-5-(trifluoromethyl)pyrimidin-2-yl]amino}benzamide 'C28 H38 F3 N7 O2'
#
# COMPACT_ATOMS: atom_id res chain seq x y z
N PHE A 12 -10.20 29.00 16.13
CA PHE A 12 -11.59 29.41 16.35
C PHE A 12 -11.82 30.39 17.49
N THR A 13 -12.79 31.30 17.27
CA THR A 13 -13.27 32.33 18.18
C THR A 13 -14.79 32.41 17.98
N ILE A 14 -15.55 32.96 18.96
CA ILE A 14 -17.00 33.13 18.87
C ILE A 14 -17.39 34.08 17.72
N ASP A 15 -16.46 35.00 17.34
CA ASP A 15 -16.65 35.94 16.24
C ASP A 15 -16.70 35.24 14.87
N ASP A 16 -16.23 33.97 14.80
CA ASP A 16 -16.27 33.16 13.56
C ASP A 16 -17.68 32.58 13.31
N PHE A 17 -18.63 32.86 14.21
CA PHE A 17 -19.99 32.33 14.13
C PHE A 17 -21.05 33.40 14.24
N ASP A 18 -22.14 33.21 13.50
CA ASP A 18 -23.32 34.06 13.58
C ASP A 18 -24.37 33.25 14.33
N ILE A 19 -24.72 33.70 15.54
CA ILE A 19 -25.71 33.01 16.37
C ILE A 19 -27.10 33.33 15.82
N VAL A 20 -27.85 32.28 15.45
CA VAL A 20 -29.18 32.42 14.87
C VAL A 20 -30.24 32.55 15.98
N ARG A 21 -30.29 31.56 16.90
CA ARG A 21 -31.26 31.52 18.01
C ARG A 21 -30.86 30.49 19.07
N PRO A 22 -31.36 30.59 20.33
CA PRO A 22 -31.06 29.54 21.31
C PRO A 22 -31.87 28.27 21.01
N LEU A 23 -31.32 27.09 21.32
CA LEU A 23 -32.00 25.81 21.11
C LEU A 23 -32.51 25.22 22.43
N GLY A 24 -31.99 25.74 23.54
CA GLY A 24 -32.39 25.31 24.87
C GLY A 24 -31.22 25.19 25.83
N LYS A 25 -31.53 24.76 27.05
CA LYS A 25 -30.55 24.59 28.12
C LYS A 25 -30.14 23.12 28.26
N GLY A 26 -28.84 22.86 28.12
CA GLY A 26 -28.25 21.54 28.28
C GLY A 26 -27.84 21.32 29.72
N LYS A 27 -27.22 20.15 30.01
CA LYS A 27 -26.78 19.75 31.35
C LYS A 27 -25.85 20.77 32.03
N PHE A 28 -24.82 21.25 31.33
CA PHE A 28 -23.90 22.22 31.91
C PHE A 28 -23.70 23.48 31.04
N GLY A 29 -24.70 23.82 30.23
CA GLY A 29 -24.63 25.00 29.39
C GLY A 29 -25.71 25.13 28.33
N ASN A 30 -25.92 26.37 27.86
CA ASN A 30 -26.90 26.66 26.82
C ASN A 30 -26.39 26.26 25.45
N VAL A 31 -27.33 25.89 24.56
CA VAL A 31 -27.02 25.48 23.20
C VAL A 31 -27.65 26.49 22.25
N TYR A 32 -26.91 26.86 21.20
CA TYR A 32 -27.37 27.83 20.22
C TYR A 32 -27.26 27.30 18.82
N LEU A 33 -28.23 27.66 17.97
CA LEU A 33 -28.16 27.36 16.55
C LEU A 33 -27.24 28.42 15.98
N ALA A 34 -26.20 28.01 15.25
CA ALA A 34 -25.23 28.96 14.72
C ALA A 34 -24.77 28.61 13.32
N ARG A 35 -24.17 29.59 12.63
CA ARG A 35 -23.63 29.38 11.31
C ARG A 35 -22.18 29.85 11.29
N GLU A 36 -21.26 28.94 10.93
CA GLU A 36 -19.83 29.22 10.82
C GLU A 36 -19.64 30.08 9.56
N LYS A 37 -19.15 31.31 9.74
CA LYS A 37 -19.00 32.34 8.70
C LYS A 37 -18.22 31.93 7.44
N GLN A 38 -17.01 31.35 7.58
CA GLN A 38 -16.14 30.97 6.46
C GLN A 38 -16.77 30.00 5.45
N ASN A 39 -17.46 28.96 5.95
CA ASN A 39 -18.06 27.92 5.10
C ASN A 39 -19.59 27.97 5.03
N LYS A 40 -20.24 28.92 5.75
CA LYS A 40 -21.70 29.09 5.81
C LYS A 40 -22.36 27.76 6.25
N PHE A 41 -21.71 27.09 7.20
CA PHE A 41 -22.13 25.78 7.69
C PHE A 41 -22.88 25.90 9.01
N ILE A 42 -24.12 25.37 9.02
CA ILE A 42 -25.04 25.39 10.15
C ILE A 42 -24.71 24.28 11.15
N MET A 43 -24.54 24.66 12.41
CA MET A 43 -24.21 23.73 13.49
C MET A 43 -24.80 24.21 14.81
N ALA A 44 -24.63 23.40 15.85
CA ALA A 44 -25.07 23.74 17.20
C ALA A 44 -23.83 24.13 17.99
N LEU A 45 -23.94 25.16 18.82
CA LEU A 45 -22.85 25.60 19.67
C LEU A 45 -23.26 25.44 21.11
N LYS A 46 -22.54 24.61 21.87
CA LYS A 46 -22.81 24.43 23.29
C LYS A 46 -21.81 25.33 24.04
N VAL A 47 -22.32 26.25 24.87
CA VAL A 47 -21.52 27.24 25.60
C VAL A 47 -21.48 26.87 27.07
N LEU A 48 -20.28 26.60 27.59
CA LEU A 48 -20.08 26.21 28.99
C LEU A 48 -19.22 27.23 29.69
N PHE A 49 -19.59 27.61 30.93
CA PHE A 49 -18.84 28.57 31.71
C PHE A 49 -17.78 27.88 32.56
N LYS A 50 -16.50 28.24 32.35
CA LYS A 50 -15.34 27.68 33.04
C LYS A 50 -15.46 27.71 34.56
N SER A 51 -15.89 28.85 35.12
CA SER A 51 -16.03 29.01 36.57
C SER A 51 -17.11 28.08 37.16
N GLN A 52 -18.28 27.98 36.50
CA GLN A 52 -19.40 27.14 36.93
C GLN A 52 -19.00 25.65 36.97
N LEU A 53 -18.31 25.17 35.90
CA LEU A 53 -17.85 23.79 35.81
C LEU A 53 -16.83 23.47 36.90
N GLU A 54 -15.90 24.41 37.18
CA GLU A 54 -14.89 24.22 38.23
C GLU A 54 -15.54 24.17 39.62
N LYS A 55 -16.52 25.06 39.88
CA LYS A 55 -17.24 25.12 41.16
C LYS A 55 -18.06 23.85 41.42
N GLU A 56 -18.64 23.27 40.36
CA GLU A 56 -19.42 22.03 40.45
C GLU A 56 -18.51 20.80 40.44
N GLY A 57 -17.21 21.01 40.17
CA GLY A 57 -16.17 19.99 40.12
C GLY A 57 -16.36 18.96 39.04
N VAL A 58 -16.86 19.39 37.86
CA VAL A 58 -17.14 18.50 36.73
C VAL A 58 -16.12 18.64 35.57
N GLU A 59 -14.90 19.18 35.85
CA GLU A 59 -13.84 19.39 34.87
C GLU A 59 -13.39 18.10 34.19
N HIS A 60 -13.01 17.07 35.00
CA HIS A 60 -12.56 15.79 34.47
C HIS A 60 -13.69 15.02 33.79
N GLN A 61 -14.94 15.20 34.27
CA GLN A 61 -16.16 14.58 33.71
C GLN A 61 -16.38 15.11 32.28
N LEU A 62 -16.28 16.44 32.10
CA LEU A 62 -16.43 17.09 30.81
C LEU A 62 -15.30 16.66 29.86
N ARG A 63 -14.06 16.60 30.36
CA ARG A 63 -12.89 16.16 29.60
C ARG A 63 -13.08 14.76 29.03
N ARG A 64 -13.61 13.82 29.86
CA ARG A 64 -13.90 12.44 29.43
C ARG A 64 -14.98 12.43 28.35
N GLU A 65 -16.08 13.19 28.55
CA GLU A 65 -17.19 13.27 27.60
C GLU A 65 -16.72 13.80 26.24
N ILE A 66 -15.85 14.83 26.25
CA ILE A 66 -15.29 15.41 25.03
C ILE A 66 -14.34 14.40 24.36
N GLU A 67 -13.46 13.76 25.15
CA GLU A 67 -12.50 12.76 24.67
C GLU A 67 -13.23 11.64 23.92
N ILE A 68 -14.36 11.14 24.47
CA ILE A 68 -15.12 10.08 23.82
C ILE A 68 -15.83 10.58 22.57
N GLN A 69 -16.75 11.55 22.72
CA GLN A 69 -17.56 12.03 21.59
C GLN A 69 -16.76 12.59 20.40
N SER A 70 -15.68 13.36 20.65
CA SER A 70 -14.91 13.98 19.58
C SER A 70 -14.19 13.00 18.64
N HIS A 71 -14.03 11.73 19.05
CA HIS A 71 -13.33 10.72 18.25
C HIS A 71 -14.28 9.68 17.61
N LEU A 72 -15.60 9.88 17.73
CA LEU A 72 -16.59 8.98 17.12
C LEU A 72 -17.15 9.57 15.84
N ARG A 73 -17.19 8.77 14.77
CA ARG A 73 -17.71 9.20 13.46
C ARG A 73 -18.70 8.17 12.95
N HIS A 74 -19.99 8.40 13.21
CA HIS A 74 -21.06 7.48 12.80
C HIS A 74 -22.31 8.28 12.47
N PRO A 75 -23.10 7.89 11.42
CA PRO A 75 -24.30 8.66 11.08
C PRO A 75 -25.36 8.73 12.18
N ASN A 76 -25.33 7.81 13.16
CA ASN A 76 -26.30 7.80 14.24
C ASN A 76 -25.72 8.21 15.60
N ILE A 77 -24.56 8.88 15.56
CA ILE A 77 -23.93 9.44 16.76
C ILE A 77 -23.74 10.91 16.44
N LEU A 78 -24.23 11.80 17.32
CA LEU A 78 -24.08 13.23 17.09
C LEU A 78 -22.59 13.61 17.01
N ARG A 79 -22.18 14.23 15.89
CA ARG A 79 -20.77 14.60 15.69
C ARG A 79 -20.36 15.81 16.51
N MET A 80 -19.13 15.79 17.02
CA MET A 80 -18.52 16.96 17.66
C MET A 80 -17.39 17.31 16.70
N TYR A 81 -17.60 18.39 15.92
CA TYR A 81 -16.68 18.85 14.88
C TYR A 81 -15.35 19.34 15.43
N ASN A 82 -15.41 20.15 16.50
CA ASN A 82 -14.23 20.70 17.15
C ASN A 82 -14.69 21.40 18.44
N TYR A 83 -13.76 22.06 19.12
CA TYR A 83 -14.03 22.80 20.35
C TYR A 83 -12.98 23.88 20.51
N PHE A 84 -13.33 24.94 21.22
CA PHE A 84 -12.43 26.06 21.45
C PHE A 84 -12.79 26.72 22.77
N HIS A 85 -11.96 27.64 23.23
CA HIS A 85 -12.25 28.33 24.48
C HIS A 85 -11.73 29.75 24.46
N ASP A 86 -12.30 30.58 25.33
CA ASP A 86 -11.85 31.95 25.49
C ASP A 86 -11.62 32.21 26.98
N ARG A 87 -11.63 33.46 27.42
CA ARG A 87 -11.38 33.82 28.82
C ARG A 87 -12.32 33.16 29.81
N LYS A 88 -13.62 33.12 29.49
CA LYS A 88 -14.64 32.64 30.43
C LYS A 88 -15.39 31.41 30.02
N ARG A 89 -15.35 31.06 28.72
CA ARG A 89 -16.18 29.99 28.19
C ARG A 89 -15.45 28.92 27.39
N ILE A 90 -16.06 27.73 27.33
CA ILE A 90 -15.64 26.58 26.53
C ILE A 90 -16.79 26.42 25.54
N TYR A 91 -16.45 26.29 24.25
CA TYR A 91 -17.44 26.14 23.19
C TYR A 91 -17.29 24.82 22.49
N LEU A 92 -18.38 24.07 22.36
CA LEU A 92 -18.39 22.79 21.66
C LEU A 92 -19.13 22.98 20.35
N MET A 93 -18.47 22.62 19.23
CA MET A 93 -19.03 22.73 17.89
C MET A 93 -19.64 21.38 17.57
N LEU A 94 -20.97 21.34 17.55
CA LEU A 94 -21.70 20.10 17.41
C LEU A 94 -22.60 20.04 16.21
N GLU A 95 -22.89 18.82 15.77
CA GLU A 95 -23.81 18.61 14.66
C GLU A 95 -25.21 19.13 15.07
N PHE A 96 -25.87 19.87 14.17
CA PHE A 96 -27.23 20.32 14.43
C PHE A 96 -28.20 19.20 14.02
N ALA A 97 -29.05 18.72 14.95
CA ALA A 97 -30.07 17.71 14.67
C ALA A 97 -31.39 18.48 14.42
N PRO A 98 -31.80 18.68 13.15
CA PRO A 98 -32.95 19.57 12.86
C PRO A 98 -34.30 19.17 13.46
N ARG A 99 -34.53 17.87 13.72
CA ARG A 99 -35.82 17.46 14.26
C ARG A 99 -35.85 17.41 15.80
N GLY A 100 -34.76 17.85 16.43
CA GLY A 100 -34.67 17.98 17.88
C GLY A 100 -34.72 16.75 18.74
N GLU A 101 -35.33 16.91 19.92
CA GLU A 101 -35.40 15.92 20.98
C GLU A 101 -36.35 14.77 20.71
N LEU A 102 -35.81 13.53 20.75
CA LEU A 102 -36.62 12.33 20.56
C LEU A 102 -37.66 12.16 21.66
N TYR A 103 -37.30 12.45 22.94
CA TYR A 103 -38.25 12.28 24.05
C TYR A 103 -39.52 13.12 23.87
N LYS A 104 -39.40 14.34 23.29
CA LYS A 104 -40.53 15.23 23.05
C LYS A 104 -41.50 14.60 22.05
N GLU A 105 -40.96 13.95 21.01
CA GLU A 105 -41.72 13.27 19.97
C GLU A 105 -42.46 12.07 20.57
N LEU A 106 -41.78 11.29 21.43
CA LEU A 106 -42.39 10.14 22.08
C LEU A 106 -43.54 10.61 22.99
N GLN A 107 -43.32 11.68 23.75
CA GLN A 107 -44.33 12.25 24.65
C GLN A 107 -45.55 12.75 23.85
N LYS A 108 -45.30 13.39 22.69
CA LYS A 108 -46.34 13.92 21.80
C LYS A 108 -47.24 12.82 21.24
N HIS A 109 -46.65 11.71 20.77
CA HIS A 109 -47.36 10.57 20.16
C HIS A 109 -47.85 9.53 21.18
N GLY A 110 -47.27 9.53 22.38
CA GLY A 110 -47.60 8.54 23.42
C GLY A 110 -46.75 7.30 23.25
N ARG A 111 -46.82 6.71 22.05
CA ARG A 111 -46.04 5.55 21.67
C ARG A 111 -45.78 5.59 20.17
N PHE A 112 -44.67 5.00 19.74
CA PHE A 112 -44.31 4.96 18.33
C PHE A 112 -44.87 3.70 17.68
N ASP A 113 -45.17 3.78 16.37
CA ASP A 113 -45.62 2.60 15.66
C ASP A 113 -44.42 1.66 15.42
N GLU A 114 -44.68 0.44 14.93
CA GLU A 114 -43.61 -0.54 14.70
C GLU A 114 -42.55 -0.09 13.72
N GLN A 115 -42.94 0.58 12.63
CA GLN A 115 -41.99 1.06 11.62
C GLN A 115 -41.00 2.07 12.25
N ARG A 116 -41.52 3.06 13.00
CA ARG A 116 -40.68 4.08 13.64
C ARG A 116 -39.76 3.43 14.67
N SER A 117 -40.30 2.53 15.51
CA SER A 117 -39.52 1.88 16.54
C SER A 117 -38.42 0.99 15.95
N ALA A 118 -38.76 0.18 14.93
CA ALA A 118 -37.76 -0.71 14.31
C ALA A 118 -36.65 0.08 13.65
N THR A 119 -37.01 1.21 12.98
CA THR A 119 -36.00 2.07 12.35
C THR A 119 -35.03 2.60 13.40
N PHE A 120 -35.57 3.12 14.53
CA PHE A 120 -34.72 3.61 15.61
C PHE A 120 -33.86 2.49 16.20
N MET A 121 -34.41 1.27 16.32
CA MET A 121 -33.66 0.12 16.86
C MET A 121 -32.49 -0.26 15.96
N GLU A 122 -32.68 -0.26 14.63
CA GLU A 122 -31.58 -0.56 13.71
C GLU A 122 -30.47 0.51 13.82
N GLU A 123 -30.87 1.78 13.86
CA GLU A 123 -29.93 2.90 13.98
C GLU A 123 -29.16 2.83 15.31
N LEU A 124 -29.88 2.59 16.42
CA LEU A 124 -29.28 2.46 17.75
C LEU A 124 -28.28 1.29 17.80
N ALA A 125 -28.69 0.10 17.31
CA ALA A 125 -27.82 -1.06 17.34
C ALA A 125 -26.55 -0.83 16.51
N ASP A 126 -26.68 -0.12 15.36
CA ASP A 126 -25.54 0.18 14.50
C ASP A 126 -24.57 1.14 15.21
N ALA A 127 -25.12 2.19 15.85
CA ALA A 127 -24.32 3.16 16.59
C ALA A 127 -23.61 2.52 17.78
N LEU A 128 -24.34 1.69 18.56
CA LEU A 128 -23.75 1.00 19.70
C LEU A 128 -22.70 -0.01 19.25
N HIS A 129 -22.94 -0.70 18.11
CA HIS A 129 -21.95 -1.65 17.59
C HIS A 129 -20.64 -0.92 17.29
N TYR A 130 -20.73 0.27 16.68
CA TYR A 130 -19.60 1.12 16.36
C TYR A 130 -18.84 1.48 17.68
N CYS A 131 -19.58 1.82 18.75
CA CYS A 131 -18.99 2.12 20.05
C CYS A 131 -18.28 0.91 20.62
N HIS A 132 -18.96 -0.24 20.64
CA HIS A 132 -18.43 -1.47 21.22
C HIS A 132 -17.20 -1.99 20.50
N GLU A 133 -17.13 -1.82 19.16
CA GLU A 133 -15.94 -2.25 18.43
C GLU A 133 -14.73 -1.35 18.75
N ARG A 134 -14.94 -0.27 19.55
CA ARG A 134 -13.89 0.65 20.03
C ARG A 134 -13.74 0.57 21.56
N LYS A 135 -14.43 -0.39 22.17
CA LYS A 135 -14.46 -0.66 23.62
C LYS A 135 -15.05 0.52 24.40
N VAL A 136 -15.98 1.25 23.77
CA VAL A 136 -16.71 2.34 24.42
C VAL A 136 -18.06 1.77 24.82
N ILE A 137 -18.43 1.93 26.10
CA ILE A 137 -19.73 1.51 26.62
C ILE A 137 -20.50 2.80 26.87
N HIS A 138 -21.74 2.88 26.39
CA HIS A 138 -22.53 4.10 26.55
C HIS A 138 -23.09 4.27 27.96
N ARG A 139 -23.80 3.22 28.46
CA ARG A 139 -24.33 3.08 29.83
C ARG A 139 -25.51 3.99 30.18
N ASP A 140 -26.03 4.76 29.22
CA ASP A 140 -27.18 5.61 29.57
C ASP A 140 -28.11 5.82 28.39
N ILE A 141 -28.42 4.73 27.68
CA ILE A 141 -29.35 4.83 26.57
C ILE A 141 -30.76 4.98 27.13
N LYS A 142 -31.44 6.05 26.73
CA LYS A 142 -32.80 6.42 27.12
C LYS A 142 -33.29 7.44 26.11
N PRO A 143 -34.63 7.63 25.93
CA PRO A 143 -35.10 8.61 24.93
C PRO A 143 -34.54 10.03 25.06
N GLU A 144 -34.38 10.50 26.31
CA GLU A 144 -33.88 11.83 26.65
C GLU A 144 -32.45 12.12 26.17
N ASN A 145 -31.68 11.06 25.81
CA ASN A 145 -30.31 11.23 25.34
C ASN A 145 -30.20 11.13 23.83
N LEU A 146 -31.34 11.14 23.14
CA LEU A 146 -31.39 10.98 21.69
C LEU A 146 -31.99 12.16 20.96
N LEU A 147 -31.34 12.55 19.87
CA LEU A 147 -31.82 13.62 18.99
C LEU A 147 -32.21 13.01 17.64
N MET A 148 -32.84 13.81 16.77
CA MET A 148 -33.28 13.35 15.46
C MET A 148 -32.78 14.24 14.35
N GLY A 149 -32.20 13.62 13.32
CA GLY A 149 -31.64 14.28 12.15
C GLY A 149 -32.68 14.82 11.19
N TYR A 150 -32.22 15.34 10.06
CA TYR A 150 -33.06 15.96 9.03
C TYR A 150 -34.19 15.03 8.54
N LYS A 151 -33.90 13.73 8.39
CA LYS A 151 -34.87 12.74 7.97
C LYS A 151 -35.37 11.88 9.15
N GLY A 152 -35.24 12.40 10.37
CA GLY A 152 -35.68 11.72 11.59
C GLY A 152 -34.75 10.63 12.10
N GLU A 153 -33.51 10.56 11.57
CA GLU A 153 -32.52 9.55 11.97
C GLU A 153 -32.10 9.77 13.39
N LEU A 154 -32.05 8.68 14.16
CA LEU A 154 -31.64 8.71 15.55
C LEU A 154 -30.19 9.22 15.65
N LYS A 155 -29.90 10.04 16.67
CA LYS A 155 -28.55 10.53 16.94
C LYS A 155 -28.29 10.39 18.43
N ILE A 156 -27.30 9.56 18.82
CA ILE A 156 -26.93 9.44 20.24
C ILE A 156 -26.22 10.74 20.55
N ALA A 157 -26.72 11.52 21.53
CA ALA A 157 -26.17 12.85 21.74
C ALA A 157 -25.75 13.23 23.17
N ASP A 158 -25.60 12.24 24.06
CA ASP A 158 -25.09 12.50 25.41
C ASP A 158 -24.18 11.34 25.73
N PHE A 159 -23.01 11.62 26.30
CA PHE A 159 -22.03 10.59 26.65
C PHE A 159 -21.60 10.73 28.12
N GLY A 160 -22.52 11.25 28.93
CA GLY A 160 -22.34 11.52 30.36
C GLY A 160 -21.85 10.38 31.22
N TRP A 161 -22.31 9.15 30.94
CA TRP A 161 -21.93 7.97 31.69
C TRP A 161 -21.00 7.05 30.90
N SER A 162 -20.63 7.45 29.68
CA SER A 162 -19.80 6.64 28.79
C SER A 162 -18.38 6.43 29.29
N VAL A 163 -17.80 5.28 28.93
CA VAL A 163 -16.45 4.94 29.35
C VAL A 163 -15.73 4.15 28.27
N HIS A 164 -14.43 4.42 28.11
CA HIS A 164 -13.57 3.63 27.25
C HIS A 164 -13.03 2.58 28.22
N ALA A 165 -13.47 1.32 28.06
CA ALA A 165 -13.12 0.25 29.00
C ALA A 165 -12.27 -0.84 28.32
N PRO A 166 -10.93 -0.68 28.25
CA PRO A 166 -10.10 -1.72 27.60
C PRO A 166 -10.19 -3.12 28.22
N SER A 167 -10.34 -3.21 29.56
CA SER A 167 -10.49 -4.50 30.27
C SER A 167 -11.93 -5.00 30.21
N LEU A 168 -12.86 -4.09 29.88
N LEU A 168 -12.90 -4.10 29.86
CA LEU A 168 -14.29 -4.28 29.73
CA LEU A 168 -14.34 -4.36 29.72
C LEU A 168 -14.95 -4.92 30.99
C LEU A 168 -15.03 -4.87 31.01
N ARG A 169 -14.55 -4.45 32.19
CA ARG A 169 -15.11 -4.87 33.50
C ARG A 169 -15.17 -3.67 34.45
N ARG A 170 -16.38 -3.17 34.74
CA ARG A 170 -16.62 -1.95 35.53
C ARG A 170 -17.47 -2.19 36.78
N ARG A 171 -17.44 -1.24 37.74
CA ARG A 171 -18.25 -1.33 38.97
C ARG A 171 -19.24 -0.18 39.17
N TPO A 172 -19.10 0.94 38.44
CA TPO A 172 -19.95 2.12 38.65
CB TPO A 172 -19.44 3.35 37.84
CG2 TPO A 172 -20.08 4.66 38.31
OG1 TPO A 172 -18.02 3.46 38.03
P TPO A 172 -17.17 3.32 36.75
O1P TPO A 172 -17.33 4.52 35.84
O2P TPO A 172 -17.42 2.05 35.99
O3P TPO A 172 -15.73 3.25 37.30
C TPO A 172 -21.45 1.87 38.37
O TPO A 172 -21.81 1.50 37.27
N MET A 173 -22.29 2.13 39.38
CA MET A 173 -23.74 2.05 39.20
C MET A 173 -24.11 3.35 38.52
N CYS A 174 -24.57 3.25 37.28
CA CYS A 174 -24.89 4.46 36.55
C CYS A 174 -26.03 4.28 35.60
N GLY A 175 -26.53 5.41 35.12
CA GLY A 175 -27.65 5.45 34.21
C GLY A 175 -28.88 6.01 34.87
N THR A 176 -30.04 5.51 34.43
CA THR A 176 -31.35 5.99 34.89
C THR A 176 -32.13 4.81 35.47
N LEU A 177 -32.80 5.03 36.61
CA LEU A 177 -33.59 4.04 37.36
C LEU A 177 -34.29 2.98 36.51
N ASP A 178 -35.22 3.40 35.63
CA ASP A 178 -36.00 2.48 34.81
C ASP A 178 -35.19 1.66 33.81
N TYR A 179 -33.97 2.11 33.51
CA TYR A 179 -33.08 1.47 32.53
C TYR A 179 -31.95 0.67 33.16
N LEU A 180 -31.85 0.65 34.49
CA LEU A 180 -30.77 -0.08 35.15
C LEU A 180 -30.79 -1.58 34.86
N PRO A 181 -29.65 -2.17 34.44
CA PRO A 181 -29.62 -3.63 34.27
C PRO A 181 -29.53 -4.34 35.63
N PRO A 182 -29.96 -5.62 35.73
CA PRO A 182 -29.88 -6.32 37.01
C PRO A 182 -28.50 -6.34 37.67
N GLU A 183 -27.43 -6.50 36.87
CA GLU A 183 -26.06 -6.57 37.38
C GLU A 183 -25.63 -5.29 38.12
N MET A 184 -26.16 -4.12 37.70
CA MET A 184 -25.84 -2.88 38.40
C MET A 184 -26.54 -2.81 39.74
N ILE A 185 -27.83 -3.18 39.76
CA ILE A 185 -28.64 -3.18 40.98
C ILE A 185 -28.06 -4.13 42.02
N GLU A 186 -27.58 -5.30 41.56
CA GLU A 186 -27.03 -6.32 42.43
C GLU A 186 -25.56 -6.09 42.85
N GLY A 187 -24.96 -4.99 42.37
CA GLY A 187 -23.60 -4.63 42.74
C GLY A 187 -22.52 -5.52 42.16
N LYS A 188 -22.81 -6.16 41.01
CA LYS A 188 -21.85 -7.03 40.34
C LYS A 188 -20.98 -6.17 39.43
N THR A 189 -19.95 -6.77 38.81
CA THR A 189 -19.16 -6.03 37.81
C THR A 189 -20.02 -6.03 36.53
N HIS A 190 -19.84 -5.05 35.66
CA HIS A 190 -20.59 -5.01 34.40
C HIS A 190 -19.68 -4.81 33.22
N ASP A 191 -20.20 -5.09 32.02
CA ASP A 191 -19.43 -4.94 30.80
C ASP A 191 -20.29 -4.21 29.75
N GLU A 192 -19.90 -4.29 28.48
CA GLU A 192 -20.61 -3.63 27.38
C GLU A 192 -22.05 -4.14 27.22
N LYS A 193 -22.36 -5.33 27.78
CA LYS A 193 -23.68 -5.95 27.65
C LYS A 193 -24.76 -5.16 28.39
N VAL A 194 -24.38 -4.16 29.22
CA VAL A 194 -25.37 -3.26 29.84
C VAL A 194 -26.14 -2.50 28.74
N ASP A 195 -25.45 -2.17 27.63
CA ASP A 195 -26.07 -1.45 26.52
C ASP A 195 -27.12 -2.30 25.79
N LEU A 196 -26.95 -3.64 25.79
N LEU A 196 -26.95 -3.63 25.80
CA LEU A 196 -27.91 -4.57 25.19
CA LEU A 196 -27.89 -4.57 25.18
C LEU A 196 -29.21 -4.54 26.00
C LEU A 196 -29.20 -4.57 25.99
N TRP A 197 -29.09 -4.57 27.33
CA TRP A 197 -30.23 -4.50 28.24
C TRP A 197 -30.99 -3.18 28.00
N CYS A 198 -30.26 -2.05 28.01
CA CYS A 198 -30.89 -0.74 27.83
C CYS A 198 -31.57 -0.61 26.48
N ALA A 199 -31.00 -1.25 25.43
CA ALA A 199 -31.63 -1.24 24.10
C ALA A 199 -33.01 -1.95 24.16
N GLY A 200 -33.12 -3.00 24.97
CA GLY A 200 -34.37 -3.74 25.16
C GLY A 200 -35.41 -2.90 25.88
N VAL A 201 -34.98 -2.18 26.95
CA VAL A 201 -35.87 -1.28 27.69
C VAL A 201 -36.36 -0.17 26.74
N LEU A 202 -35.42 0.40 25.95
CA LEU A 202 -35.74 1.46 24.99
C LEU A 202 -36.77 0.99 23.96
N CYS A 203 -36.59 -0.22 23.40
CA CYS A 203 -37.53 -0.76 22.43
C CYS A 203 -38.94 -0.86 23.01
N TYR A 204 -39.03 -1.39 24.25
CA TYR A 204 -40.31 -1.49 24.96
C TYR A 204 -40.91 -0.10 25.16
N GLU A 205 -40.12 0.88 25.68
CA GLU A 205 -40.62 2.23 25.91
C GLU A 205 -41.11 2.90 24.61
N PHE A 206 -40.41 2.68 23.48
CA PHE A 206 -40.85 3.22 22.19
C PHE A 206 -42.24 2.71 21.82
N LEU A 207 -42.45 1.38 21.95
CA LEU A 207 -43.69 0.74 21.54
C LEU A 207 -44.86 0.90 22.50
N VAL A 208 -44.58 0.97 23.81
CA VAL A 208 -45.61 1.02 24.85
C VAL A 208 -45.84 2.45 25.39
N GLY A 209 -44.78 3.24 25.45
CA GLY A 209 -44.84 4.61 25.96
C GLY A 209 -44.42 4.72 27.40
N MET A 210 -44.21 3.56 28.04
CA MET A 210 -43.78 3.46 29.43
C MET A 210 -42.67 2.42 29.51
N PRO A 211 -41.71 2.60 30.44
CA PRO A 211 -40.66 1.57 30.61
C PRO A 211 -41.25 0.29 31.22
N PRO A 212 -40.64 -0.89 30.98
CA PRO A 212 -41.27 -2.15 31.38
C PRO A 212 -41.36 -2.44 32.88
N PHE A 213 -40.51 -1.82 33.70
CA PHE A 213 -40.49 -2.12 35.13
C PHE A 213 -40.97 -0.96 36.00
N ASP A 214 -41.76 -0.06 35.38
CA ASP A 214 -42.39 1.10 36.02
C ASP A 214 -43.11 0.69 37.29
N SER A 215 -42.74 1.31 38.43
CA SER A 215 -43.32 0.98 39.73
C SER A 215 -43.48 2.24 40.59
N PRO A 216 -44.37 2.23 41.63
CA PRO A 216 -44.53 3.42 42.48
C PRO A 216 -43.33 3.78 43.38
N SER A 217 -42.40 2.83 43.58
CA SER A 217 -41.22 3.05 44.42
C SER A 217 -39.95 2.50 43.77
N HIS A 218 -38.79 3.04 44.16
CA HIS A 218 -37.48 2.62 43.67
C HIS A 218 -37.17 1.16 44.06
N THR A 219 -37.60 0.73 45.26
CA THR A 219 -37.42 -0.64 45.75
C THR A 219 -38.22 -1.64 44.91
N GLU A 220 -39.47 -1.29 44.54
CA GLU A 220 -40.30 -2.16 43.69
C GLU A 220 -39.77 -2.22 42.25
N THR A 221 -39.26 -1.09 41.71
CA THR A 221 -38.66 -1.05 40.37
C THR A 221 -37.43 -1.97 40.36
N HIS A 222 -36.54 -1.85 41.38
CA HIS A 222 -35.35 -2.70 41.51
C HIS A 222 -35.76 -4.17 41.54
N ARG A 223 -36.82 -4.50 42.32
CA ARG A 223 -37.33 -5.87 42.44
C ARG A 223 -37.83 -6.39 41.09
N ARG A 224 -38.60 -5.59 40.34
CA ARG A 224 -39.10 -5.99 39.02
C ARG A 224 -37.97 -6.24 38.03
N ILE A 225 -36.92 -5.39 38.09
CA ILE A 225 -35.76 -5.52 37.20
C ILE A 225 -35.00 -6.82 37.45
N VAL A 226 -34.63 -7.09 38.72
CA VAL A 226 -33.83 -8.28 39.07
C VAL A 226 -34.59 -9.60 38.90
N ASN A 227 -35.92 -9.55 38.88
CA ASN A 227 -36.77 -10.72 38.63
C ASN A 227 -37.13 -10.76 37.13
N VAL A 228 -36.75 -9.72 36.35
CA VAL A 228 -37.09 -9.53 34.93
C VAL A 228 -38.61 -9.76 34.78
N ASP A 229 -39.38 -9.03 35.61
CA ASP A 229 -40.83 -9.12 35.68
C ASP A 229 -41.48 -8.41 34.49
N LEU A 230 -41.21 -8.95 33.30
CA LEU A 230 -41.66 -8.43 32.03
C LEU A 230 -43.09 -8.88 31.74
N LYS A 231 -44.00 -7.91 31.61
CA LYS A 231 -45.43 -8.13 31.36
C LYS A 231 -45.80 -7.37 30.10
N PHE A 232 -45.87 -8.07 28.96
CA PHE A 232 -46.16 -7.44 27.68
C PHE A 232 -47.62 -7.06 27.48
N PRO A 233 -47.89 -5.79 27.11
CA PRO A 233 -49.27 -5.40 26.76
C PRO A 233 -49.78 -6.19 25.53
N PRO A 234 -51.09 -6.52 25.46
CA PRO A 234 -51.59 -7.36 24.36
C PRO A 234 -51.52 -6.81 22.94
N PHE A 235 -51.39 -5.48 22.77
CA PHE A 235 -51.33 -4.87 21.43
C PHE A 235 -50.00 -5.09 20.69
N LEU A 236 -48.95 -5.54 21.41
CA LEU A 236 -47.63 -5.76 20.81
C LEU A 236 -47.61 -6.96 19.89
N SER A 237 -46.91 -6.84 18.75
CA SER A 237 -46.76 -7.93 17.79
C SER A 237 -45.83 -8.99 18.36
N ASP A 238 -45.93 -10.23 17.86
CA ASP A 238 -45.05 -11.32 18.28
C ASP A 238 -43.58 -10.98 18.02
N GLY A 239 -43.31 -10.37 16.85
CA GLY A 239 -41.96 -9.98 16.45
C GLY A 239 -41.31 -9.00 17.40
N SER A 240 -42.05 -7.95 17.83
CA SER A 240 -41.49 -6.95 18.74
C SER A 240 -41.24 -7.57 20.13
N LYS A 241 -42.16 -8.43 20.60
CA LYS A 241 -42.01 -9.12 21.89
C LYS A 241 -40.79 -10.06 21.85
N ASP A 242 -40.56 -10.73 20.71
CA ASP A 242 -39.41 -11.62 20.55
C ASP A 242 -38.09 -10.84 20.70
N LEU A 243 -37.97 -9.69 20.02
CA LEU A 243 -36.75 -8.88 20.11
C LEU A 243 -36.53 -8.37 21.54
N ILE A 244 -37.57 -7.80 22.18
CA ILE A 244 -37.44 -7.27 23.54
C ILE A 244 -37.04 -8.41 24.51
N SER A 245 -37.73 -9.56 24.43
CA SER A 245 -37.42 -10.71 25.29
C SER A 245 -35.98 -11.20 25.11
N LYS A 246 -35.46 -11.10 23.89
CA LYS A 246 -34.10 -11.57 23.63
C LYS A 246 -33.03 -10.61 24.16
N LEU A 247 -33.39 -9.33 24.36
CA LEU A 247 -32.48 -8.32 24.88
C LEU A 247 -32.55 -8.25 26.40
N LEU A 248 -33.77 -8.36 26.94
CA LEU A 248 -34.01 -8.28 28.37
C LEU A 248 -33.79 -9.60 29.07
N ARG A 249 -32.54 -10.08 29.02
CA ARG A 249 -32.16 -11.33 29.67
C ARG A 249 -31.42 -11.01 30.95
N TYR A 250 -31.73 -11.75 32.02
CA TYR A 250 -31.06 -11.57 33.30
C TYR A 250 -29.54 -11.75 33.14
N HIS A 251 -29.12 -12.81 32.45
CA HIS A 251 -27.69 -13.11 32.25
C HIS A 251 -27.12 -12.31 31.09
N PRO A 252 -26.14 -11.41 31.34
CA PRO A 252 -25.60 -10.60 30.24
C PRO A 252 -25.10 -11.41 29.03
N PRO A 253 -24.36 -12.56 29.19
CA PRO A 253 -23.91 -13.31 28.00
C PRO A 253 -25.04 -13.89 27.15
N GLN A 254 -26.27 -13.96 27.68
CA GLN A 254 -27.39 -14.51 26.94
C GLN A 254 -28.14 -13.47 26.13
N ARG A 255 -27.82 -12.18 26.34
CA ARG A 255 -28.48 -11.09 25.61
C ARG A 255 -28.15 -11.13 24.13
N LEU A 256 -29.16 -10.84 23.31
CA LEU A 256 -29.01 -10.83 21.87
C LEU A 256 -27.93 -9.81 21.48
N PRO A 257 -26.87 -10.22 20.74
CA PRO A 257 -25.84 -9.24 20.33
C PRO A 257 -26.41 -8.15 19.43
N LEU A 258 -25.71 -7.02 19.34
CA LEU A 258 -26.12 -5.88 18.51
C LEU A 258 -26.30 -6.26 17.05
N LYS A 259 -25.43 -7.13 16.52
CA LYS A 259 -25.55 -7.63 15.15
C LYS A 259 -26.85 -8.43 15.02
N GLY A 260 -27.23 -9.14 16.08
CA GLY A 260 -28.47 -9.89 16.16
C GLY A 260 -29.69 -9.00 16.13
N VAL A 261 -29.60 -7.79 16.75
CA VAL A 261 -30.71 -6.82 16.71
C VAL A 261 -30.89 -6.36 15.26
N MET A 262 -29.79 -6.00 14.60
CA MET A 262 -29.83 -5.50 13.22
C MET A 262 -30.38 -6.55 12.25
N GLU A 263 -30.11 -7.84 12.54
CA GLU A 263 -30.53 -9.01 11.74
C GLU A 263 -31.88 -9.58 12.14
N HIS A 264 -32.46 -9.07 13.26
CA HIS A 264 -33.72 -9.64 13.76
C HIS A 264 -34.84 -9.49 12.72
N PRO A 265 -35.62 -10.57 12.43
CA PRO A 265 -36.67 -10.45 11.39
C PRO A 265 -37.65 -9.31 11.58
N TRP A 266 -37.99 -8.94 12.83
CA TRP A 266 -38.90 -7.83 13.09
C TRP A 266 -38.26 -6.49 12.65
N VAL A 267 -36.93 -6.37 12.87
CA VAL A 267 -36.20 -5.17 12.43
C VAL A 267 -36.14 -5.15 10.89
N LYS A 268 -35.80 -6.28 10.25
CA LYS A 268 -35.73 -6.32 8.79
C LYS A 268 -37.07 -5.99 8.12
N ALA A 269 -38.16 -6.53 8.68
CA ALA A 269 -39.49 -6.34 8.10
C ALA A 269 -40.08 -4.96 8.30
N ASN A 270 -39.70 -4.26 9.37
CA ASN A 270 -40.32 -2.97 9.70
C ASN A 270 -39.45 -1.73 9.58
N SER A 271 -38.12 -1.86 9.64
CA SER A 271 -37.22 -0.72 9.56
C SER A 271 -37.25 -0.04 8.20
N ARG A 272 -37.23 1.29 8.22
CA ARG A 272 -37.20 2.12 7.01
C ARG A 272 -35.99 3.03 7.08
N ARG A 273 -34.90 2.48 7.64
CA ARG A 273 -33.65 3.17 7.83
C ARG A 273 -33.04 3.70 6.54
N VAL A 274 -32.63 4.96 6.58
CA VAL A 274 -32.01 5.61 5.45
C VAL A 274 -30.69 6.21 5.93
N LEU A 275 -29.58 5.86 5.25
CA LEU A 275 -28.26 6.40 5.61
C LEU A 275 -28.14 7.79 5.00
N PRO A 276 -27.74 8.81 5.78
CA PRO A 276 -27.60 10.15 5.20
C PRO A 276 -26.54 10.22 4.10
N PRO A 277 -26.69 11.14 3.13
CA PRO A 277 -25.62 11.30 2.12
C PRO A 277 -24.28 11.61 2.77
N VAL A 278 -23.18 11.14 2.16
CA VAL A 278 -21.81 11.37 2.66
C VAL A 278 -21.01 12.19 1.65
N TYR A 279 -19.90 12.82 2.11
CA TYR A 279 -19.03 13.62 1.24
C TYR A 279 -18.33 12.73 0.20
N ALA B 3 39.37 -48.26 -34.90
CA ALA B 3 38.67 -49.17 -35.81
C ALA B 3 37.23 -49.46 -35.37
N LEU B 4 37.01 -49.62 -34.05
CA LEU B 4 35.69 -49.89 -33.47
C LEU B 4 35.31 -48.82 -32.43
N ALA B 5 35.83 -47.58 -32.61
CA ALA B 5 35.56 -46.44 -31.74
C ALA B 5 34.08 -46.06 -31.80
N GLU B 6 33.53 -45.57 -30.69
CA GLU B 6 32.12 -45.19 -30.62
C GLU B 6 31.80 -44.07 -31.62
N MET B 7 30.72 -44.25 -32.39
CA MET B 7 30.27 -43.30 -33.41
C MET B 7 30.01 -41.91 -32.78
N PRO B 8 30.59 -40.82 -33.33
CA PRO B 8 30.38 -39.50 -32.73
C PRO B 8 28.95 -38.99 -32.91
N LYS B 9 28.44 -38.31 -31.90
CA LYS B 9 27.10 -37.72 -31.92
C LYS B 9 27.06 -36.58 -32.94
N ARG B 10 25.87 -36.30 -33.48
CA ARG B 10 25.67 -35.24 -34.45
C ARG B 10 25.90 -33.86 -33.83
N LYS B 11 26.36 -32.95 -34.66
CA LYS B 11 26.64 -31.56 -34.34
C LYS B 11 25.78 -30.73 -35.27
N PHE B 12 25.54 -29.42 -34.98
CA PHE B 12 24.85 -28.55 -35.94
C PHE B 12 25.79 -28.26 -37.11
N THR B 13 25.21 -28.03 -38.31
CA THR B 13 25.95 -27.66 -39.52
C THR B 13 25.20 -26.48 -40.13
N ILE B 14 25.82 -25.76 -41.09
CA ILE B 14 25.19 -24.59 -41.73
C ILE B 14 23.89 -25.00 -42.48
N ASP B 15 23.80 -26.27 -42.90
CA ASP B 15 22.63 -26.83 -43.59
C ASP B 15 21.39 -26.93 -42.69
N ASP B 16 21.56 -26.77 -41.36
CA ASP B 16 20.45 -26.83 -40.40
C ASP B 16 19.71 -25.49 -40.29
N PHE B 17 20.16 -24.47 -41.06
CA PHE B 17 19.60 -23.13 -40.96
C PHE B 17 19.20 -22.49 -42.28
N ASP B 18 18.17 -21.64 -42.21
CA ASP B 18 17.74 -20.78 -43.30
C ASP B 18 18.15 -19.39 -42.87
N ILE B 19 19.01 -18.72 -43.64
CA ILE B 19 19.45 -17.37 -43.33
C ILE B 19 18.33 -16.43 -43.79
N VAL B 20 17.73 -15.68 -42.84
CA VAL B 20 16.60 -14.80 -43.16
C VAL B 20 17.09 -13.43 -43.65
N ARG B 21 17.98 -12.77 -42.88
CA ARG B 21 18.55 -11.46 -43.21
C ARG B 21 19.74 -11.09 -42.29
N PRO B 22 20.71 -10.25 -42.74
CA PRO B 22 21.81 -9.87 -41.83
C PRO B 22 21.32 -8.91 -40.72
N LEU B 23 21.95 -8.99 -39.54
CA LEU B 23 21.63 -8.14 -38.39
C LEU B 23 22.68 -7.04 -38.22
N GLY B 24 23.85 -7.23 -38.84
CA GLY B 24 24.95 -6.26 -38.78
C GLY B 24 26.28 -6.88 -38.41
N LYS B 25 27.31 -6.02 -38.28
CA LYS B 25 28.66 -6.44 -37.93
C LYS B 25 28.85 -6.52 -36.43
N GLY B 26 29.31 -7.68 -35.96
CA GLY B 26 29.56 -7.95 -34.56
C GLY B 26 31.02 -8.06 -34.22
N LYS B 27 31.32 -8.61 -33.04
CA LYS B 27 32.71 -8.79 -32.62
C LYS B 27 33.30 -10.02 -33.30
N PHE B 28 34.31 -9.78 -34.16
CA PHE B 28 35.10 -10.72 -34.96
C PHE B 28 34.34 -11.36 -36.15
N GLY B 29 33.13 -10.87 -36.48
CA GLY B 29 32.36 -11.39 -37.60
C GLY B 29 30.96 -10.86 -37.78
N ASN B 30 30.30 -11.28 -38.88
CA ASN B 30 28.94 -10.87 -39.23
C ASN B 30 27.87 -11.66 -38.49
N VAL B 31 26.76 -10.99 -38.13
CA VAL B 31 25.63 -11.58 -37.43
C VAL B 31 24.43 -11.66 -38.37
N TYR B 32 23.80 -12.83 -38.46
CA TYR B 32 22.64 -13.04 -39.31
C TYR B 32 21.46 -13.49 -38.49
N LEU B 33 20.27 -13.10 -38.91
CA LEU B 33 19.03 -13.59 -38.32
C LEU B 33 18.77 -14.90 -39.10
N ALA B 34 18.67 -16.02 -38.38
CA ALA B 34 18.47 -17.33 -39.01
C ALA B 34 17.36 -18.14 -38.37
N ARG B 35 16.79 -19.08 -39.13
CA ARG B 35 15.76 -19.97 -38.64
C ARG B 35 16.32 -21.39 -38.65
N GLU B 36 16.44 -21.99 -37.47
CA GLU B 36 16.91 -23.37 -37.31
C GLU B 36 15.75 -24.24 -37.81
N LYS B 37 15.98 -24.98 -38.91
CA LYS B 37 14.99 -25.78 -39.65
C LYS B 37 14.17 -26.79 -38.83
N GLN B 38 14.82 -27.65 -38.02
CA GLN B 38 14.18 -28.70 -37.23
C GLN B 38 13.06 -28.19 -36.32
N ASN B 39 13.30 -27.06 -35.62
CA ASN B 39 12.32 -26.50 -34.70
C ASN B 39 11.62 -25.23 -35.20
N LYS B 40 11.99 -24.72 -36.40
CA LYS B 40 11.46 -23.48 -37.00
C LYS B 40 11.69 -22.31 -36.03
N PHE B 41 12.84 -22.34 -35.36
CA PHE B 41 13.23 -21.41 -34.31
C PHE B 41 14.18 -20.32 -34.79
N ILE B 42 13.80 -19.07 -34.55
CA ILE B 42 14.56 -17.89 -34.95
C ILE B 42 15.66 -17.60 -33.94
N MET B 43 16.88 -17.45 -34.44
CA MET B 43 18.05 -17.14 -33.61
C MET B 43 19.04 -16.24 -34.36
N ALA B 44 20.07 -15.76 -33.65
CA ALA B 44 21.14 -14.97 -34.24
C ALA B 44 22.29 -15.93 -34.49
N LEU B 45 22.83 -15.90 -35.71
CA LEU B 45 23.96 -16.76 -36.08
C LEU B 45 25.15 -15.86 -36.38
N LYS B 46 26.19 -15.96 -35.55
CA LYS B 46 27.39 -15.16 -35.74
C LYS B 46 28.40 -16.00 -36.51
N VAL B 47 28.84 -15.48 -37.67
CA VAL B 47 29.80 -16.15 -38.53
C VAL B 47 31.15 -15.45 -38.35
N LEU B 48 32.14 -16.21 -37.87
CA LEU B 48 33.48 -15.71 -37.57
C LEU B 48 34.51 -16.39 -38.45
N PHE B 49 35.33 -15.61 -39.17
CA PHE B 49 36.37 -16.15 -40.03
C PHE B 49 37.63 -16.40 -39.23
N LYS B 50 38.07 -17.67 -39.19
CA LYS B 50 39.24 -18.18 -38.47
C LYS B 50 40.52 -17.38 -38.75
N SER B 51 40.78 -17.08 -40.04
CA SER B 51 41.95 -16.31 -40.48
C SER B 51 41.94 -14.87 -39.93
N GLN B 52 40.75 -14.24 -39.87
CA GLN B 52 40.58 -12.88 -39.33
C GLN B 52 40.79 -12.86 -37.82
N LEU B 53 40.44 -13.97 -37.13
CA LEU B 53 40.60 -14.15 -35.69
C LEU B 53 42.09 -14.32 -35.34
N GLU B 54 42.83 -15.09 -36.17
CA GLU B 54 44.25 -15.37 -36.00
C GLU B 54 45.12 -14.13 -36.28
N LYS B 55 44.76 -13.34 -37.32
CA LYS B 55 45.46 -12.11 -37.71
C LYS B 55 45.34 -11.01 -36.66
N GLU B 56 44.29 -11.05 -35.83
CA GLU B 56 44.05 -10.09 -34.74
C GLU B 56 44.51 -10.65 -33.38
N GLY B 57 44.87 -11.94 -33.35
CA GLY B 57 45.36 -12.65 -32.17
C GLY B 57 44.34 -12.69 -31.04
N VAL B 58 43.13 -13.18 -31.34
CA VAL B 58 42.02 -13.26 -30.38
C VAL B 58 41.46 -14.69 -30.24
N GLU B 59 42.20 -15.70 -30.73
CA GLU B 59 41.82 -17.12 -30.65
C GLU B 59 41.75 -17.62 -29.20
N HIS B 60 42.65 -17.12 -28.33
CA HIS B 60 42.72 -17.44 -26.91
C HIS B 60 41.57 -16.73 -26.18
N GLN B 61 41.23 -15.49 -26.62
CA GLN B 61 40.17 -14.66 -26.07
C GLN B 61 38.79 -15.26 -26.37
N LEU B 62 38.51 -15.60 -27.65
CA LEU B 62 37.25 -16.20 -28.12
C LEU B 62 36.95 -17.52 -27.40
N ARG B 63 37.98 -18.35 -27.17
CA ARG B 63 37.89 -19.64 -26.49
C ARG B 63 37.33 -19.44 -25.08
N ARG B 64 37.83 -18.41 -24.36
CA ARG B 64 37.38 -18.07 -23.01
C ARG B 64 35.92 -17.59 -23.05
N GLU B 65 35.58 -16.73 -24.03
CA GLU B 65 34.24 -16.16 -24.25
C GLU B 65 33.18 -17.24 -24.50
N ILE B 66 33.49 -18.21 -25.37
CA ILE B 66 32.58 -19.32 -25.69
C ILE B 66 32.41 -20.21 -24.45
N GLU B 67 33.53 -20.53 -23.75
CA GLU B 67 33.50 -21.39 -22.55
C GLU B 67 32.57 -20.81 -21.47
N ILE B 68 32.66 -19.50 -21.22
CA ILE B 68 31.85 -18.84 -20.20
C ILE B 68 30.36 -18.72 -20.62
N GLN B 69 30.09 -18.05 -21.74
CA GLN B 69 28.71 -17.79 -22.21
C GLN B 69 27.88 -19.05 -22.47
N SER B 70 28.52 -20.11 -23.00
CA SER B 70 27.83 -21.37 -23.29
C SER B 70 27.29 -22.09 -22.05
N HIS B 71 27.78 -21.73 -20.84
CA HIS B 71 27.34 -22.36 -19.59
C HIS B 71 26.39 -21.51 -18.74
N LEU B 72 26.02 -20.31 -19.24
CA LEU B 72 25.12 -19.42 -18.51
C LEU B 72 23.69 -19.50 -19.05
N ARG B 73 22.74 -19.73 -18.15
CA ARG B 73 21.32 -19.83 -18.48
C ARG B 73 20.54 -18.95 -17.50
N HIS B 74 20.25 -17.73 -17.94
CA HIS B 74 19.54 -16.73 -17.14
C HIS B 74 18.72 -15.84 -18.08
N PRO B 75 17.49 -15.40 -17.69
CA PRO B 75 16.68 -14.59 -18.59
C PRO B 75 17.27 -13.24 -18.99
N ASN B 76 18.25 -12.73 -18.21
CA ASN B 76 18.89 -11.45 -18.49
C ASN B 76 20.32 -11.59 -18.98
N ILE B 77 20.66 -12.79 -19.46
CA ILE B 77 21.96 -13.09 -20.04
C ILE B 77 21.67 -13.68 -21.42
N LEU B 78 22.24 -13.08 -22.48
CA LEU B 78 22.02 -13.58 -23.84
C LEU B 78 22.53 -15.01 -23.96
N ARG B 79 21.64 -15.94 -24.34
CA ARG B 79 21.96 -17.35 -24.43
C ARG B 79 22.83 -17.67 -25.64
N MET B 80 23.78 -18.58 -25.45
CA MET B 80 24.56 -19.15 -26.53
C MET B 80 24.06 -20.59 -26.52
N TYR B 81 23.18 -20.93 -27.46
CA TYR B 81 22.54 -22.24 -27.54
C TYR B 81 23.53 -23.35 -27.84
N ASN B 82 24.40 -23.11 -28.83
CA ASN B 82 25.39 -24.09 -29.27
C ASN B 82 26.33 -23.39 -30.25
N TYR B 83 27.27 -24.15 -30.81
CA TYR B 83 28.25 -23.66 -31.76
C TYR B 83 28.77 -24.79 -32.60
N PHE B 84 29.33 -24.45 -33.76
CA PHE B 84 29.90 -25.42 -34.69
C PHE B 84 30.93 -24.74 -35.58
N HIS B 85 31.66 -25.53 -36.38
CA HIS B 85 32.68 -24.98 -37.26
C HIS B 85 32.92 -25.82 -38.49
N ASP B 86 33.53 -25.19 -39.50
CA ASP B 86 33.97 -25.84 -40.73
C ASP B 86 35.43 -25.42 -40.98
N ARG B 87 35.97 -25.68 -42.18
CA ARG B 87 37.35 -25.36 -42.56
C ARG B 87 37.78 -23.92 -42.28
N LYS B 88 36.96 -22.93 -42.66
CA LYS B 88 37.30 -21.51 -42.52
C LYS B 88 36.44 -20.68 -41.56
N ARG B 89 35.32 -21.23 -41.06
CA ARG B 89 34.43 -20.44 -40.19
C ARG B 89 34.04 -21.09 -38.86
N ILE B 90 33.77 -20.24 -37.86
CA ILE B 90 33.25 -20.61 -36.54
C ILE B 90 31.86 -19.98 -36.48
N TYR B 91 30.84 -20.78 -36.14
CA TYR B 91 29.46 -20.32 -36.08
C TYR B 91 28.96 -20.40 -34.66
N LEU B 92 28.42 -19.29 -34.14
CA LEU B 92 27.85 -19.22 -32.80
C LEU B 92 26.35 -19.04 -32.90
N MET B 93 25.60 -19.93 -32.24
CA MET B 93 24.14 -19.90 -32.23
C MET B 93 23.72 -19.16 -30.98
N LEU B 94 23.22 -17.95 -31.18
CA LEU B 94 22.90 -17.04 -30.08
C LEU B 94 21.45 -16.66 -30.05
N GLU B 95 20.96 -16.32 -28.85
CA GLU B 95 19.60 -15.84 -28.65
C GLU B 95 19.40 -14.54 -29.43
N PHE B 96 18.27 -14.42 -30.13
CA PHE B 96 17.98 -13.17 -30.82
C PHE B 96 17.27 -12.24 -29.84
N ALA B 97 17.79 -11.00 -29.70
CA ALA B 97 17.23 -9.96 -28.83
C ALA B 97 16.44 -9.01 -29.74
N PRO B 98 15.10 -9.15 -29.78
CA PRO B 98 14.29 -8.40 -30.76
C PRO B 98 14.36 -6.88 -30.72
N ARG B 99 14.59 -6.28 -29.54
CA ARG B 99 14.63 -4.81 -29.44
C ARG B 99 16.04 -4.23 -29.68
N GLY B 100 17.00 -5.09 -29.99
CA GLY B 100 18.35 -4.68 -30.35
C GLY B 100 19.23 -4.07 -29.28
N GLU B 101 20.08 -3.13 -29.72
CA GLU B 101 21.11 -2.49 -28.92
C GLU B 101 20.58 -1.46 -27.94
N LEU B 102 20.88 -1.68 -26.65
CA LEU B 102 20.47 -0.77 -25.60
C LEU B 102 21.14 0.62 -25.76
N TYR B 103 22.43 0.65 -26.20
CA TYR B 103 23.15 1.92 -26.35
C TYR B 103 22.46 2.88 -27.33
N LYS B 104 21.89 2.34 -28.42
CA LYS B 104 21.15 3.11 -29.43
C LYS B 104 19.87 3.70 -28.84
N GLU B 105 19.17 2.91 -27.99
CA GLU B 105 17.97 3.33 -27.28
C GLU B 105 18.30 4.48 -26.33
N LEU B 106 19.43 4.37 -25.60
CA LEU B 106 19.88 5.42 -24.68
C LEU B 106 20.18 6.71 -25.46
N GLN B 107 20.88 6.60 -26.62
CA GLN B 107 21.20 7.76 -27.47
C GLN B 107 19.93 8.45 -27.97
N LYS B 108 18.92 7.66 -28.38
CA LYS B 108 17.64 8.13 -28.88
C LYS B 108 16.84 8.89 -27.80
N HIS B 109 16.78 8.33 -26.59
CA HIS B 109 16.03 8.92 -25.49
C HIS B 109 16.78 10.03 -24.75
N GLY B 110 18.11 10.05 -24.89
CA GLY B 110 18.95 11.00 -24.17
C GLY B 110 19.27 10.47 -22.79
N ARG B 111 18.23 10.18 -22.00
CA ARG B 111 18.32 9.55 -20.67
C ARG B 111 17.07 8.73 -20.42
N PHE B 112 17.18 7.68 -19.60
CA PHE B 112 16.04 6.84 -19.28
C PHE B 112 15.34 7.37 -18.04
N ASP B 113 14.01 7.18 -17.95
CA ASP B 113 13.22 7.57 -16.79
C ASP B 113 13.54 6.62 -15.62
N GLU B 114 13.04 6.94 -14.42
CA GLU B 114 13.33 6.15 -13.23
C GLU B 114 12.84 4.71 -13.29
N GLN B 115 11.69 4.48 -13.90
CA GLN B 115 11.11 3.14 -14.01
C GLN B 115 11.94 2.27 -14.95
N ARG B 116 12.32 2.81 -16.13
CA ARG B 116 13.14 2.08 -17.10
C ARG B 116 14.51 1.74 -16.49
N SER B 117 15.13 2.73 -15.81
CA SER B 117 16.43 2.53 -15.19
C SER B 117 16.38 1.54 -14.03
N ALA B 118 15.39 1.66 -13.11
CA ALA B 118 15.29 0.74 -11.96
C ALA B 118 15.04 -0.71 -12.42
N THR B 119 14.25 -0.87 -13.51
CA THR B 119 13.96 -2.19 -14.09
C THR B 119 15.27 -2.83 -14.57
N PHE B 120 16.06 -2.06 -15.37
CA PHE B 120 17.35 -2.54 -15.87
C PHE B 120 18.30 -2.87 -14.72
N MET B 121 18.29 -2.06 -13.64
CA MET B 121 19.15 -2.31 -12.49
C MET B 121 18.77 -3.60 -11.76
N GLU B 122 17.46 -3.88 -11.62
CA GLU B 122 17.04 -5.13 -10.99
C GLU B 122 17.49 -6.32 -11.85
N GLU B 123 17.30 -6.22 -13.18
CA GLU B 123 17.70 -7.27 -14.12
C GLU B 123 19.21 -7.47 -14.12
N LEU B 124 19.99 -6.38 -14.15
CA LEU B 124 21.45 -6.47 -14.13
C LEU B 124 21.95 -7.12 -12.83
N ALA B 125 21.44 -6.67 -11.66
CA ALA B 125 21.86 -7.23 -10.38
C ALA B 125 21.57 -8.73 -10.29
N ASP B 126 20.40 -9.14 -10.80
CA ASP B 126 19.97 -10.55 -10.81
C ASP B 126 20.94 -11.36 -11.69
N ALA B 127 21.21 -10.89 -12.91
CA ALA B 127 22.12 -11.57 -13.84
C ALA B 127 23.55 -11.64 -13.28
N LEU B 128 24.05 -10.54 -12.68
CA LEU B 128 25.40 -10.52 -12.09
C LEU B 128 25.49 -11.43 -10.88
N HIS B 129 24.42 -11.50 -10.06
CA HIS B 129 24.42 -12.41 -8.89
C HIS B 129 24.56 -13.86 -9.37
N TYR B 130 23.84 -14.21 -10.46
CA TYR B 130 23.90 -15.52 -11.11
C TYR B 130 25.36 -15.84 -11.53
N CYS B 131 26.05 -14.87 -12.16
CA CYS B 131 27.44 -15.02 -12.58
C CYS B 131 28.36 -15.21 -11.39
N HIS B 132 28.25 -14.31 -10.38
CA HIS B 132 29.12 -14.38 -9.21
C HIS B 132 28.97 -15.67 -8.41
N GLU B 133 27.76 -16.23 -8.34
CA GLU B 133 27.51 -17.52 -7.66
C GLU B 133 28.27 -18.66 -8.36
N ARG B 134 28.58 -18.47 -9.66
CA ARG B 134 29.33 -19.42 -10.50
C ARG B 134 30.81 -19.03 -10.62
N LYS B 135 31.24 -18.04 -9.82
CA LYS B 135 32.60 -17.49 -9.81
C LYS B 135 32.99 -16.86 -11.16
N VAL B 136 31.98 -16.33 -11.89
CA VAL B 136 32.20 -15.65 -13.15
C VAL B 136 32.13 -14.14 -12.90
N ILE B 137 33.20 -13.41 -13.26
CA ILE B 137 33.23 -11.95 -13.13
C ILE B 137 33.09 -11.41 -14.55
N HIS B 138 32.16 -10.46 -14.78
CA HIS B 138 31.94 -9.91 -16.12
C HIS B 138 33.07 -8.96 -16.58
N ARG B 139 33.36 -7.93 -15.76
CA ARG B 139 34.46 -6.95 -15.91
C ARG B 139 34.29 -5.91 -17.03
N ASP B 140 33.15 -5.92 -17.74
CA ASP B 140 32.95 -4.92 -18.80
C ASP B 140 31.49 -4.53 -18.98
N ILE B 141 30.78 -4.34 -17.86
CA ILE B 141 29.39 -3.91 -17.93
C ILE B 141 29.39 -2.47 -18.41
N LYS B 142 28.65 -2.22 -19.51
CA LYS B 142 28.51 -0.90 -20.14
C LYS B 142 27.32 -0.95 -21.11
N PRO B 143 26.72 0.19 -21.51
CA PRO B 143 25.54 0.11 -22.40
C PRO B 143 25.75 -0.64 -23.71
N GLU B 144 26.94 -0.52 -24.31
CA GLU B 144 27.29 -1.15 -25.60
C GLU B 144 27.33 -2.68 -25.55
N ASN B 145 27.44 -3.26 -24.34
CA ASN B 145 27.48 -4.73 -24.17
C ASN B 145 26.13 -5.31 -23.81
N LEU B 146 25.06 -4.49 -23.88
CA LEU B 146 23.71 -4.90 -23.50
C LEU B 146 22.73 -4.85 -24.64
N LEU B 147 21.89 -5.89 -24.74
CA LEU B 147 20.84 -5.96 -25.74
C LEU B 147 19.50 -5.98 -25.04
N MET B 148 18.40 -5.89 -25.80
CA MET B 148 17.07 -5.88 -25.20
C MET B 148 16.19 -6.95 -25.80
N GLY B 149 15.50 -7.68 -24.94
CA GLY B 149 14.54 -8.71 -25.30
C GLY B 149 13.27 -8.15 -25.90
N TYR B 150 12.30 -9.02 -26.22
CA TYR B 150 11.04 -8.62 -26.84
C TYR B 150 10.25 -7.56 -26.06
N LYS B 151 10.21 -7.68 -24.74
CA LYS B 151 9.52 -6.72 -23.86
C LYS B 151 10.51 -5.74 -23.21
N GLY B 152 11.68 -5.57 -23.84
CA GLY B 152 12.72 -4.66 -23.39
C GLY B 152 13.60 -5.15 -22.25
N GLU B 153 13.48 -6.44 -21.86
CA GLU B 153 14.31 -7.00 -20.79
C GLU B 153 15.79 -6.92 -21.13
N LEU B 154 16.62 -6.53 -20.14
CA LEU B 154 18.07 -6.41 -20.31
C LEU B 154 18.67 -7.77 -20.63
N LYS B 155 19.65 -7.81 -21.55
CA LYS B 155 20.37 -9.02 -21.91
C LYS B 155 21.86 -8.70 -21.93
N ILE B 156 22.65 -9.26 -20.99
CA ILE B 156 24.10 -9.08 -21.00
C ILE B 156 24.56 -9.90 -22.22
N ALA B 157 25.14 -9.24 -23.24
CA ALA B 157 25.42 -9.88 -24.53
C ALA B 157 26.87 -10.02 -24.97
N ASP B 158 27.84 -9.49 -24.23
CA ASP B 158 29.24 -9.63 -24.61
C ASP B 158 29.98 -10.06 -23.38
N PHE B 159 30.77 -11.13 -23.49
CA PHE B 159 31.54 -11.69 -22.38
C PHE B 159 33.03 -11.67 -22.71
N GLY B 160 33.42 -10.72 -23.55
CA GLY B 160 34.79 -10.50 -24.05
C GLY B 160 35.87 -10.41 -22.99
N TRP B 161 35.56 -9.81 -21.82
CA TRP B 161 36.54 -9.65 -20.75
C TRP B 161 36.20 -10.47 -19.51
N SER B 162 35.18 -11.34 -19.61
CA SER B 162 34.74 -12.17 -18.49
C SER B 162 35.77 -13.23 -18.15
N VAL B 163 35.71 -13.70 -16.89
CA VAL B 163 36.64 -14.70 -16.40
C VAL B 163 35.98 -15.60 -15.36
N HIS B 164 36.27 -16.90 -15.43
CA HIS B 164 35.86 -17.84 -14.40
C HIS B 164 37.04 -17.82 -13.43
N ALA B 165 36.83 -17.23 -12.26
CA ALA B 165 37.89 -17.05 -11.25
C ALA B 165 37.52 -17.75 -9.93
N PRO B 166 37.86 -19.05 -9.77
CA PRO B 166 37.54 -19.77 -8.53
C PRO B 166 38.04 -19.08 -7.25
N SER B 167 39.20 -18.41 -7.31
CA SER B 167 39.79 -17.70 -6.17
C SER B 167 39.24 -16.27 -6.03
N LEU B 168 38.58 -15.76 -7.09
CA LEU B 168 38.05 -14.39 -7.19
C LEU B 168 39.15 -13.34 -6.97
N ARG B 169 40.35 -13.59 -7.54
CA ARG B 169 41.52 -12.70 -7.47
C ARG B 169 42.13 -12.71 -8.86
N ARG B 170 41.99 -11.60 -9.60
CA ARG B 170 42.50 -11.47 -10.97
C ARG B 170 43.31 -10.18 -11.13
N ARG B 171 44.11 -10.11 -12.20
CA ARG B 171 44.96 -8.93 -12.41
C ARG B 171 44.93 -8.37 -13.83
N TPO B 172 44.13 -8.96 -14.73
CA TPO B 172 44.02 -8.49 -16.11
CB TPO B 172 43.26 -9.47 -17.01
CG2 TPO B 172 43.13 -9.03 -18.50
OG1 TPO B 172 43.97 -10.71 -16.96
P TPO B 172 43.12 -11.87 -16.46
O1P TPO B 172 42.48 -11.57 -15.09
O2P TPO B 172 42.09 -12.27 -17.44
O3P TPO B 172 44.13 -13.03 -16.26
C TPO B 172 43.41 -7.09 -16.16
O TPO B 172 42.33 -6.86 -15.60
N MET B 173 44.14 -6.16 -16.79
CA MET B 173 43.70 -4.78 -17.00
C MET B 173 42.69 -4.84 -18.15
N CYS B 174 41.39 -4.64 -17.84
CA CYS B 174 40.31 -4.70 -18.83
C CYS B 174 39.11 -3.85 -18.44
N GLY B 175 38.24 -3.63 -19.41
CA GLY B 175 37.05 -2.82 -19.25
C GLY B 175 37.06 -1.67 -20.22
N THR B 176 36.37 -0.59 -19.86
CA THR B 176 36.23 0.60 -20.69
C THR B 176 36.48 1.79 -19.79
N LEU B 177 37.31 2.75 -20.26
CA LEU B 177 37.75 3.93 -19.53
C LEU B 177 36.73 4.53 -18.55
N ASP B 178 35.58 4.99 -19.04
CA ASP B 178 34.59 5.64 -18.19
C ASP B 178 33.99 4.78 -17.09
N TYR B 179 34.05 3.45 -17.27
CA TYR B 179 33.50 2.44 -16.36
C TYR B 179 34.53 1.79 -15.44
N LEU B 180 35.82 2.06 -15.64
CA LEU B 180 36.88 1.42 -14.85
C LEU B 180 36.77 1.68 -13.35
N PRO B 181 36.72 0.62 -12.53
CA PRO B 181 36.77 0.82 -11.07
C PRO B 181 38.16 1.34 -10.68
N PRO B 182 38.29 2.05 -9.55
CA PRO B 182 39.60 2.58 -9.15
C PRO B 182 40.70 1.53 -9.07
N GLU B 183 40.40 0.32 -8.53
CA GLU B 183 41.38 -0.76 -8.41
C GLU B 183 41.91 -1.22 -9.78
N MET B 184 41.07 -1.12 -10.81
CA MET B 184 41.44 -1.50 -12.17
CA MET B 184 41.42 -1.47 -12.17
C MET B 184 42.39 -0.46 -12.78
N ILE B 185 42.00 0.84 -12.72
CA ILE B 185 42.82 1.91 -13.26
C ILE B 185 44.14 2.11 -12.48
N GLU B 186 44.16 1.72 -11.18
CA GLU B 186 45.37 1.82 -10.34
C GLU B 186 46.24 0.56 -10.38
N GLY B 187 45.84 -0.41 -11.21
CA GLY B 187 46.55 -1.67 -11.43
C GLY B 187 46.67 -2.57 -10.21
N LYS B 188 45.63 -2.62 -9.37
CA LYS B 188 45.61 -3.48 -8.17
C LYS B 188 44.88 -4.79 -8.48
N THR B 189 45.11 -5.84 -7.65
CA THR B 189 44.41 -7.12 -7.80
C THR B 189 42.91 -6.85 -7.57
N HIS B 190 42.06 -7.41 -8.42
CA HIS B 190 40.62 -7.19 -8.34
C HIS B 190 39.81 -8.47 -8.12
N ASP B 191 38.57 -8.30 -7.65
CA ASP B 191 37.65 -9.42 -7.41
C ASP B 191 36.32 -9.15 -8.12
N GLU B 192 35.27 -9.88 -7.75
CA GLU B 192 33.94 -9.73 -8.33
C GLU B 192 33.32 -8.35 -8.06
N LYS B 193 33.86 -7.61 -7.06
CA LYS B 193 33.31 -6.29 -6.70
C LYS B 193 33.50 -5.24 -7.81
N VAL B 194 34.31 -5.54 -8.86
N VAL B 194 34.30 -5.54 -8.85
CA VAL B 194 34.45 -4.64 -10.02
CA VAL B 194 34.48 -4.70 -10.04
C VAL B 194 33.10 -4.48 -10.71
C VAL B 194 33.10 -4.49 -10.67
N ASP B 195 32.29 -5.57 -10.75
CA ASP B 195 30.95 -5.55 -11.34
C ASP B 195 29.98 -4.66 -10.58
N LEU B 196 30.16 -4.53 -9.24
N LEU B 196 30.17 -4.52 -9.25
CA LEU B 196 29.33 -3.66 -8.40
CA LEU B 196 29.33 -3.68 -8.39
C LEU B 196 29.59 -2.20 -8.78
C LEU B 196 29.60 -2.19 -8.72
N TRP B 197 30.87 -1.84 -8.94
CA TRP B 197 31.27 -0.47 -9.34
C TRP B 197 30.67 -0.18 -10.73
N CYS B 198 30.88 -1.09 -11.71
CA CYS B 198 30.33 -0.87 -13.07
C CYS B 198 28.81 -0.77 -13.09
N ALA B 199 28.12 -1.51 -12.20
CA ALA B 199 26.66 -1.40 -12.08
C ALA B 199 26.26 0.02 -11.63
N GLY B 200 27.04 0.61 -10.72
CA GLY B 200 26.80 1.97 -10.25
C GLY B 200 26.99 2.99 -11.36
N VAL B 201 28.06 2.79 -12.18
CA VAL B 201 28.36 3.68 -13.31
C VAL B 201 27.22 3.57 -14.32
N LEU B 202 26.76 2.34 -14.61
CA LEU B 202 25.68 2.09 -15.56
C LEU B 202 24.38 2.79 -15.10
N CYS B 203 24.04 2.66 -13.81
CA CYS B 203 22.84 3.29 -13.24
C CYS B 203 22.89 4.80 -13.48
N TYR B 204 24.04 5.40 -13.19
CA TYR B 204 24.28 6.84 -13.40
C TYR B 204 24.10 7.17 -14.88
N GLU B 205 24.77 6.43 -15.80
CA GLU B 205 24.63 6.74 -17.24
C GLU B 205 23.19 6.62 -17.74
N PHE B 206 22.44 5.59 -17.30
CA PHE B 206 21.04 5.41 -17.68
C PHE B 206 20.21 6.64 -17.30
N LEU B 207 20.36 7.11 -16.06
CA LEU B 207 19.57 8.22 -15.54
C LEU B 207 20.03 9.60 -15.96
N VAL B 208 21.33 9.75 -16.22
CA VAL B 208 21.95 11.04 -16.51
C VAL B 208 22.17 11.29 -18.00
N GLY B 209 22.48 10.23 -18.74
CA GLY B 209 22.72 10.33 -20.19
C GLY B 209 24.18 10.35 -20.58
N MET B 210 25.07 10.47 -19.57
CA MET B 210 26.53 10.49 -19.74
CA MET B 210 26.53 10.48 -19.75
C MET B 210 27.16 9.79 -18.54
N PRO B 211 28.37 9.17 -18.69
CA PRO B 211 28.98 8.53 -17.51
C PRO B 211 29.45 9.58 -16.48
N PRO B 212 29.59 9.20 -15.21
CA PRO B 212 29.86 10.21 -14.15
C PRO B 212 31.21 10.90 -14.17
N PHE B 213 32.24 10.27 -14.74
CA PHE B 213 33.58 10.83 -14.69
C PHE B 213 34.08 11.26 -16.06
N ASP B 214 33.14 11.55 -16.99
CA ASP B 214 33.43 12.04 -18.34
C ASP B 214 34.26 13.31 -18.26
N SER B 215 35.33 13.37 -19.04
CA SER B 215 36.25 14.50 -19.08
C SER B 215 36.92 14.57 -20.45
N PRO B 216 37.46 15.73 -20.87
CA PRO B 216 38.14 15.78 -22.18
C PRO B 216 39.43 14.96 -22.24
N SER B 217 40.14 14.83 -21.09
CA SER B 217 41.42 14.11 -21.03
C SER B 217 41.39 12.80 -20.23
N HIS B 218 42.37 11.90 -20.50
CA HIS B 218 42.57 10.63 -19.81
C HIS B 218 42.96 10.90 -18.35
N THR B 219 43.82 11.92 -18.13
CA THR B 219 44.31 12.30 -16.81
C THR B 219 43.20 12.79 -15.90
N GLU B 220 42.27 13.61 -16.44
CA GLU B 220 41.14 14.11 -15.64
C GLU B 220 40.15 12.97 -15.34
N THR B 221 39.84 12.08 -16.31
CA THR B 221 38.93 10.95 -16.05
C THR B 221 39.54 10.04 -14.96
N HIS B 222 40.85 9.72 -15.06
CA HIS B 222 41.57 8.91 -14.07
C HIS B 222 41.43 9.58 -12.69
N ARG B 223 41.74 10.89 -12.60
CA ARG B 223 41.65 11.65 -11.34
C ARG B 223 40.24 11.57 -10.76
N ARG B 224 39.20 11.77 -11.61
CA ARG B 224 37.81 11.74 -11.12
C ARG B 224 37.40 10.36 -10.62
N ILE B 225 37.85 9.29 -11.29
CA ILE B 225 37.53 7.92 -10.88
C ILE B 225 38.14 7.60 -9.52
N VAL B 226 39.48 7.78 -9.39
CA VAL B 226 40.22 7.42 -8.16
C VAL B 226 39.80 8.27 -6.95
N ASN B 227 39.26 9.48 -7.18
CA ASN B 227 38.79 10.37 -6.13
C ASN B 227 37.27 10.33 -5.98
N VAL B 228 36.60 9.46 -6.77
CA VAL B 228 35.13 9.30 -6.80
C VAL B 228 34.48 10.71 -6.83
N ASP B 229 34.88 11.51 -7.83
CA ASP B 229 34.42 12.88 -7.99
C ASP B 229 33.03 12.95 -8.62
N LEU B 230 32.01 12.57 -7.84
CA LEU B 230 30.62 12.60 -8.29
C LEU B 230 30.03 13.99 -8.30
N LYS B 231 29.42 14.36 -9.42
CA LYS B 231 28.74 15.65 -9.58
C LYS B 231 27.32 15.33 -10.08
N PHE B 232 26.47 14.84 -9.15
CA PHE B 232 25.11 14.45 -9.47
C PHE B 232 24.29 15.60 -10.03
N PRO B 233 23.65 15.44 -11.21
CA PRO B 233 22.80 16.51 -11.71
C PRO B 233 21.59 16.76 -10.80
N PRO B 234 21.08 18.01 -10.74
CA PRO B 234 19.93 18.31 -9.86
C PRO B 234 18.62 17.60 -10.21
N PHE B 235 18.49 17.06 -11.43
CA PHE B 235 17.26 16.37 -11.84
C PHE B 235 17.12 14.95 -11.28
N LEU B 236 18.19 14.40 -10.65
CA LEU B 236 18.11 13.05 -10.08
C LEU B 236 17.35 13.04 -8.76
N SER B 237 16.59 11.97 -8.53
CA SER B 237 15.84 11.81 -7.28
C SER B 237 16.79 11.42 -6.15
N ASP B 238 16.35 11.62 -4.90
CA ASP B 238 17.12 11.24 -3.72
C ASP B 238 17.42 9.72 -3.73
N GLY B 239 16.42 8.92 -4.08
CA GLY B 239 16.54 7.46 -4.13
C GLY B 239 17.62 6.96 -5.07
N SER B 240 17.66 7.49 -6.31
CA SER B 240 18.66 7.07 -7.29
C SER B 240 20.08 7.49 -6.88
N LYS B 241 20.24 8.70 -6.30
CA LYS B 241 21.56 9.14 -5.84
C LYS B 241 22.00 8.27 -4.67
N ASP B 242 21.05 7.86 -3.82
CA ASP B 242 21.38 6.98 -2.68
C ASP B 242 21.97 5.67 -3.21
N LEU B 243 21.30 5.04 -4.18
CA LEU B 243 21.79 3.79 -4.77
C LEU B 243 23.17 3.95 -5.39
N ILE B 244 23.33 4.95 -6.28
CA ILE B 244 24.61 5.18 -6.95
C ILE B 244 25.74 5.45 -5.95
N SER B 245 25.48 6.31 -4.94
N SER B 245 25.51 6.32 -4.95
CA SER B 245 26.46 6.67 -3.90
CA SER B 245 26.53 6.63 -3.95
C SER B 245 26.86 5.45 -3.04
C SER B 245 26.94 5.38 -3.15
N LYS B 246 26.02 4.40 -3.00
CA LYS B 246 26.31 3.18 -2.25
C LYS B 246 27.09 2.16 -3.08
N LEU B 247 26.99 2.25 -4.42
CA LEU B 247 27.72 1.34 -5.30
C LEU B 247 29.09 1.90 -5.65
N LEU B 248 29.17 3.23 -5.88
CA LEU B 248 30.43 3.86 -6.28
C LEU B 248 31.31 4.17 -5.08
N ARG B 249 31.81 3.11 -4.42
CA ARG B 249 32.71 3.29 -3.27
C ARG B 249 34.12 2.95 -3.72
N TYR B 250 35.10 3.79 -3.33
CA TYR B 250 36.50 3.51 -3.66
C TYR B 250 36.93 2.14 -3.11
N HIS B 251 36.61 1.87 -1.83
CA HIS B 251 36.99 0.63 -1.15
C HIS B 251 36.03 -0.48 -1.57
N PRO B 252 36.49 -1.49 -2.36
CA PRO B 252 35.54 -2.51 -2.87
C PRO B 252 34.65 -3.18 -1.82
N PRO B 253 35.11 -3.60 -0.61
CA PRO B 253 34.18 -4.25 0.34
C PRO B 253 33.04 -3.35 0.84
N GLN B 254 33.15 -2.02 0.68
CA GLN B 254 32.10 -1.11 1.12
C GLN B 254 30.94 -1.04 0.12
N ARG B 255 31.14 -1.54 -1.11
CA ARG B 255 30.13 -1.48 -2.16
C ARG B 255 28.88 -2.26 -1.81
N LEU B 256 27.70 -1.66 -2.09
CA LEU B 256 26.42 -2.29 -1.81
C LEU B 256 26.34 -3.65 -2.52
N PRO B 257 26.11 -4.77 -1.81
CA PRO B 257 26.02 -6.07 -2.51
C PRO B 257 24.86 -6.13 -3.50
N LEU B 258 24.94 -7.03 -4.50
CA LEU B 258 23.88 -7.18 -5.51
C LEU B 258 22.50 -7.44 -4.90
N LYS B 259 22.44 -8.21 -3.80
CA LYS B 259 21.19 -8.47 -3.06
C LYS B 259 20.65 -7.15 -2.49
N GLY B 260 21.56 -6.26 -2.06
CA GLY B 260 21.24 -4.93 -1.56
C GLY B 260 20.68 -4.04 -2.65
N VAL B 261 21.17 -4.23 -3.90
CA VAL B 261 20.66 -3.47 -5.05
C VAL B 261 19.21 -3.91 -5.31
N MET B 262 18.98 -5.23 -5.39
CA MET B 262 17.63 -5.76 -5.65
C MET B 262 16.61 -5.37 -4.57
N GLU B 263 17.08 -5.20 -3.31
CA GLU B 263 16.24 -4.82 -2.16
C GLU B 263 16.21 -3.30 -1.91
N HIS B 264 17.02 -2.52 -2.65
CA HIS B 264 17.07 -1.06 -2.46
C HIS B 264 15.69 -0.42 -2.64
N PRO B 265 15.25 0.46 -1.70
CA PRO B 265 13.90 1.06 -1.81
C PRO B 265 13.59 1.71 -3.14
N TRP B 266 14.59 2.34 -3.79
CA TRP B 266 14.39 2.99 -5.09
C TRP B 266 14.13 1.95 -6.19
N VAL B 267 14.85 0.84 -6.16
CA VAL B 267 14.68 -0.25 -7.13
C VAL B 267 13.30 -0.89 -6.90
N LYS B 268 12.95 -1.19 -5.65
CA LYS B 268 11.65 -1.80 -5.30
C LYS B 268 10.46 -0.93 -5.71
N ALA B 269 10.56 0.39 -5.50
CA ALA B 269 9.47 1.31 -5.83
C ALA B 269 9.30 1.55 -7.33
N ASN B 270 10.40 1.57 -8.09
CA ASN B 270 10.37 1.93 -9.49
C ASN B 270 10.53 0.79 -10.50
N SER B 271 11.02 -0.39 -10.11
CA SER B 271 11.14 -1.49 -11.09
C SER B 271 9.78 -1.97 -11.57
N ARG B 272 9.67 -2.20 -12.88
CA ARG B 272 8.49 -2.70 -13.60
C ARG B 272 8.92 -3.96 -14.37
N ARG B 273 9.84 -4.73 -13.77
CA ARG B 273 10.41 -5.92 -14.36
C ARG B 273 9.37 -6.98 -14.67
N VAL B 274 9.48 -7.53 -15.89
CA VAL B 274 8.65 -8.64 -16.37
C VAL B 274 9.56 -9.80 -16.71
N LEU B 275 9.16 -11.01 -16.31
CA LEU B 275 9.95 -12.19 -16.63
C LEU B 275 9.43 -12.76 -17.94
N PRO B 276 10.31 -13.27 -18.84
CA PRO B 276 9.83 -13.88 -20.09
C PRO B 276 8.83 -15.01 -19.80
N PRO B 277 7.77 -15.17 -20.64
CA PRO B 277 6.78 -16.23 -20.38
C PRO B 277 7.37 -17.62 -20.23
N VAL B 278 6.71 -18.46 -19.43
CA VAL B 278 7.10 -19.86 -19.22
C VAL B 278 6.48 -20.69 -20.36
N TYR B 279 6.62 -22.03 -20.30
CA TYR B 279 6.08 -22.92 -21.31
C TYR B 279 4.55 -22.97 -21.27
N GLN B 280 3.92 -22.93 -22.45
CA GLN B 280 2.47 -22.94 -22.68
C GLN B 280 1.80 -24.24 -22.26
N SER C 15 11.92 -11.69 -44.82
CA SER C 15 12.78 -10.77 -44.08
C SER C 15 12.05 -9.52 -43.54
N GLY C 16 10.81 -9.30 -43.97
CA GLY C 16 10.02 -8.14 -43.55
C GLY C 16 8.97 -8.43 -42.49
N ASN C 17 7.69 -8.18 -42.84
CA ASN C 17 6.51 -8.35 -41.96
C ASN C 17 6.30 -9.78 -41.45
N LEU C 18 6.71 -10.79 -42.24
CA LEU C 18 6.60 -12.21 -41.91
C LEU C 18 7.41 -12.55 -40.65
N LEU C 19 8.59 -11.92 -40.50
CA LEU C 19 9.52 -12.10 -39.37
C LEU C 19 8.92 -11.62 -38.04
N THR C 20 8.39 -10.37 -38.01
CA THR C 20 7.82 -9.72 -36.83
C THR C 20 6.80 -10.62 -36.11
N GLN C 21 5.87 -11.23 -36.89
CA GLN C 21 4.83 -12.14 -36.39
C GLN C 21 5.46 -13.40 -35.75
N ALA C 22 6.47 -13.97 -36.42
CA ALA C 22 7.18 -15.18 -35.97
C ALA C 22 7.99 -14.92 -34.68
N ILE C 23 8.64 -13.75 -34.59
CA ILE C 23 9.44 -13.32 -33.43
C ILE C 23 8.52 -13.17 -32.19
N ARG C 24 7.33 -12.55 -32.39
CA ARG C 24 6.33 -12.35 -31.33
C ARG C 24 5.87 -13.67 -30.73
N GLN C 25 5.44 -14.63 -31.59
CA GLN C 25 4.98 -15.97 -31.18
C GLN C 25 6.02 -16.72 -30.39
N GLN C 26 7.30 -16.57 -30.79
CA GLN C 26 8.44 -17.20 -30.14
C GLN C 26 8.62 -16.72 -28.70
N TYR C 27 8.25 -15.46 -28.42
CA TYR C 27 8.35 -14.89 -27.07
C TYR C 27 7.22 -15.40 -26.16
N TYR C 28 5.96 -15.31 -26.61
CA TYR C 28 4.79 -15.72 -25.81
C TYR C 28 4.62 -17.23 -25.68
N LYS C 29 5.02 -17.99 -26.73
CA LYS C 29 4.95 -19.45 -26.75
C LYS C 29 6.38 -19.99 -26.93
N PRO C 30 7.22 -19.97 -25.86
CA PRO C 30 8.60 -20.43 -26.03
C PRO C 30 8.74 -21.95 -26.06
N ILE C 31 9.81 -22.42 -26.71
CA ILE C 31 10.14 -23.84 -26.80
C ILE C 31 11.29 -24.13 -25.85
N ASP C 32 11.42 -25.40 -25.41
CA ASP C 32 12.49 -25.79 -24.49
C ASP C 32 13.83 -25.89 -25.22
N VAL C 33 14.54 -24.76 -25.30
CA VAL C 33 15.86 -24.63 -25.95
C VAL C 33 16.94 -25.47 -25.24
N ASP C 34 16.75 -25.72 -23.93
CA ASP C 34 17.66 -26.52 -23.10
C ASP C 34 17.68 -27.98 -23.54
N ARG C 35 16.54 -28.48 -24.04
CA ARG C 35 16.40 -29.84 -24.55
C ARG C 35 16.76 -29.88 -26.03
N MET C 36 16.18 -28.96 -26.83
CA MET C 36 16.39 -28.91 -28.28
C MET C 36 17.82 -28.54 -28.71
N TYR C 37 18.51 -27.66 -27.96
CA TYR C 37 19.86 -27.23 -28.34
C TYR C 37 20.95 -27.59 -27.34
N GLY C 38 20.60 -27.62 -26.05
CA GLY C 38 21.53 -27.94 -24.97
C GLY C 38 21.98 -29.39 -24.93
N THR C 39 21.15 -30.33 -25.43
CA THR C 39 21.49 -31.76 -25.45
C THR C 39 22.34 -32.15 -26.67
N ILE C 40 22.36 -31.29 -27.71
CA ILE C 40 23.12 -31.54 -28.95
C ILE C 40 24.60 -31.30 -28.68
N ASP C 41 25.46 -32.17 -29.23
CA ASP C 41 26.90 -32.09 -29.07
C ASP C 41 27.49 -30.85 -29.73
N SER C 42 28.65 -30.44 -29.23
CA SER C 42 29.39 -29.29 -29.72
C SER C 42 30.81 -29.72 -30.04
N PRO C 43 31.53 -29.07 -30.99
CA PRO C 43 32.93 -29.45 -31.21
C PRO C 43 33.76 -29.04 -30.00
N LYS C 44 34.88 -29.75 -29.74
CA LYS C 44 35.75 -29.40 -28.62
C LYS C 44 36.41 -28.05 -28.92
N LEU C 45 36.55 -27.20 -27.90
CA LEU C 45 37.17 -25.86 -28.04
C LEU C 45 38.55 -25.93 -28.68
N GLU C 46 39.30 -27.00 -28.37
CA GLU C 46 40.64 -27.31 -28.88
C GLU C 46 40.61 -27.50 -30.41
N GLU C 47 39.51 -28.10 -30.94
CA GLU C 47 39.31 -28.36 -32.37
C GLU C 47 39.03 -27.10 -33.18
N LEU C 48 38.47 -26.05 -32.53
CA LEU C 48 38.12 -24.78 -33.18
C LEU C 48 39.33 -24.03 -33.74
N PHE C 49 40.50 -24.18 -33.09
CA PHE C 49 41.74 -23.53 -33.51
C PHE C 49 42.88 -24.55 -33.65
N ASN D 17 -38.38 30.22 4.22
CA ASN D 17 -37.19 30.87 4.78
C ASN D 17 -35.91 30.31 4.15
N LEU D 18 -34.85 31.14 4.08
CA LEU D 18 -33.55 30.79 3.54
C LEU D 18 -32.80 29.79 4.43
N LEU D 19 -33.11 29.77 5.74
CA LEU D 19 -32.50 28.88 6.72
C LEU D 19 -32.99 27.42 6.53
N THR D 20 -34.32 27.23 6.37
CA THR D 20 -34.96 25.91 6.14
C THR D 20 -34.38 25.25 4.89
N GLN D 21 -34.17 26.05 3.82
CA GLN D 21 -33.59 25.62 2.55
C GLN D 21 -32.12 25.26 2.73
N ALA D 22 -31.36 26.07 3.51
CA ALA D 22 -29.94 25.83 3.78
C ALA D 22 -29.73 24.52 4.57
N ILE D 23 -30.66 24.22 5.50
CA ILE D 23 -30.62 22.99 6.31
C ILE D 23 -30.84 21.77 5.40
N ARG D 24 -31.80 21.86 4.47
CA ARG D 24 -32.08 20.81 3.47
C ARG D 24 -30.84 20.63 2.57
N GLN D 25 -30.25 21.76 2.12
CA GLN D 25 -29.06 21.76 1.25
C GLN D 25 -27.86 21.11 1.94
N GLN D 26 -27.72 21.31 3.26
CA GLN D 26 -26.64 20.72 4.03
C GLN D 26 -26.75 19.19 4.10
N TYR D 27 -27.99 18.67 4.16
CA TYR D 27 -28.24 17.23 4.21
C TYR D 27 -27.86 16.57 2.89
N TYR D 28 -28.30 17.15 1.76
CA TYR D 28 -28.06 16.59 0.43
C TYR D 28 -26.67 16.90 -0.12
N LYS D 29 -26.03 17.99 0.35
CA LYS D 29 -24.68 18.34 -0.08
C LYS D 29 -23.78 18.47 1.16
N PRO D 30 -23.37 17.33 1.79
CA PRO D 30 -22.51 17.42 2.99
C PRO D 30 -21.10 17.84 2.64
N ILE D 31 -20.47 18.63 3.52
CA ILE D 31 -19.10 19.09 3.32
C ILE D 31 -18.11 18.13 4.00
N ASP D 32 -16.81 18.26 3.67
CA ASP D 32 -15.77 17.45 4.26
C ASP D 32 -15.41 18.07 5.61
N VAL D 33 -16.23 17.80 6.65
CA VAL D 33 -16.09 18.32 8.02
C VAL D 33 -14.76 17.92 8.67
N ASP D 34 -14.23 16.74 8.29
CA ASP D 34 -12.96 16.18 8.76
C ASP D 34 -11.79 17.05 8.31
N ARG D 35 -11.91 17.68 7.12
CA ARG D 35 -10.91 18.56 6.53
C ARG D 35 -11.18 20.02 6.93
N MET D 36 -12.44 20.47 6.83
CA MET D 36 -12.86 21.84 7.13
C MET D 36 -12.79 22.21 8.61
N TYR D 37 -12.96 21.23 9.52
CA TYR D 37 -12.94 21.50 10.96
C TYR D 37 -11.95 20.64 11.75
N GLY D 38 -11.93 19.34 11.46
CA GLY D 38 -11.07 18.36 12.13
C GLY D 38 -9.57 18.59 11.98
N THR D 39 -9.14 19.05 10.78
CA THR D 39 -7.74 19.33 10.46
C THR D 39 -7.22 20.56 11.23
N ILE D 40 -8.10 21.54 11.54
CA ILE D 40 -7.76 22.77 12.28
C ILE D 40 -7.40 22.42 13.73
N ASP D 41 -6.26 22.96 14.22
CA ASP D 41 -5.71 22.75 15.56
C ASP D 41 -6.73 23.01 16.66
N SER D 42 -6.73 22.14 17.68
CA SER D 42 -7.66 22.20 18.81
C SER D 42 -6.90 22.39 20.12
N PRO D 43 -7.49 23.06 21.14
CA PRO D 43 -6.76 23.19 22.42
C PRO D 43 -6.65 21.84 23.13
N LYS D 44 -5.58 21.64 23.90
CA LYS D 44 -5.40 20.40 24.64
C LYS D 44 -6.49 20.30 25.72
N LEU D 45 -7.03 19.09 25.96
CA LEU D 45 -8.08 18.88 26.96
C LEU D 45 -7.68 19.38 28.35
N GLU D 46 -6.39 19.23 28.70
CA GLU D 46 -5.81 19.72 29.96
C GLU D 46 -5.69 21.25 30.03
N GLU D 47 -5.79 21.94 28.86
CA GLU D 47 -5.70 23.40 28.74
C GLU D 47 -7.06 24.10 28.82
N LEU D 48 -8.17 23.37 28.53
CA LEU D 48 -9.54 23.91 28.50
C LEU D 48 -9.97 24.73 29.72
N PHE D 49 -9.44 24.43 30.92
CA PHE D 49 -9.76 25.17 32.14
C PHE D 49 -8.68 26.19 32.51
N ASN D 50 -7.69 26.37 31.62
CA ASN D 50 -6.59 27.32 31.81
C ASN D 50 -6.75 28.54 30.88
N LYS D 51 -5.71 29.40 30.83
CA LYS D 51 -5.62 30.62 30.05
C LYS D 51 -5.84 30.35 28.55
N SER D 52 -6.61 31.22 27.89
CA SER D 52 -6.92 31.14 26.46
C SER D 52 -5.70 31.42 25.59
C5 6Q4 E . -29.22 20.03 20.51
C6 6Q4 E . -27.98 19.80 19.83
C10 6Q4 E . -33.13 21.14 19.43
C13 6Q4 E . -34.84 21.77 17.33
C15 6Q4 E . -36.61 22.56 18.96
C20 6Q4 E . -30.95 21.62 22.79
C21 6Q4 E . -30.57 21.98 24.22
C22 6Q4 E . -29.87 20.78 24.83
C24 6Q4 E . -29.59 18.33 24.14
C28 6Q4 E . -29.14 15.24 23.49
C1 6Q4 E . -28.06 19.76 18.44
N2 6Q4 E . -29.19 19.99 17.75
C3 6Q4 E . -30.28 20.22 18.49
N4 6Q4 E . -30.35 20.25 19.84
N7 6Q4 E . -29.29 20.00 21.86
N8 6Q4 E . -31.43 20.45 17.79
C9 6Q4 E . -32.74 20.88 18.11
C11 6Q4 E . -34.39 21.66 19.68
C12 6Q4 E . -35.29 21.92 18.64
C14 6Q4 E . -33.57 21.26 17.07
O16 6Q4 E . -36.59 23.57 19.65
N17 6Q4 E . -37.76 22.01 18.49
C18 6Q4 E . -37.86 20.81 17.67
C19 6Q4 E . -30.53 20.15 22.60
C23 6Q4 E . -30.44 19.59 24.05
N25 6Q4 E . -30.27 17.21 24.43
O26 6Q4 E . -28.37 18.38 23.96
C27 6Q4 E . -29.66 15.90 24.73
C29 6Q4 E . -28.60 16.00 25.82
C30 6Q4 E . -26.67 19.53 20.51
F31 6Q4 E . -26.68 18.39 21.19
F32 6Q4 E . -25.63 19.50 19.68
F33 6Q4 E . -26.36 20.49 21.43
C34 6Q4 E . -39.14 22.61 18.76
C35 6Q4 E . -39.32 23.99 18.14
C36 6Q4 E . -40.72 24.54 18.40
N37 6Q4 E . -41.02 24.55 19.87
C38 6Q4 E . -40.96 23.15 20.41
C39 6Q4 E . -39.57 22.55 20.23
C40 6Q4 E . -42.33 25.20 20.17
C5 6Q4 F . 22.69 -9.14 -31.90
C6 6Q4 F . 22.58 -10.44 -31.31
C10 6Q4 F . 17.76 -6.65 -33.21
C13 6Q4 F . 19.89 -5.15 -34.16
C15 6Q4 F . 18.37 -3.52 -35.27
C20 6Q4 F . 23.99 -7.13 -34.20
C21 6Q4 F . 25.39 -7.11 -34.76
C22 6Q4 F . 26.36 -7.14 -33.60
C24 6Q4 F . 26.12 -7.28 -31.06
C28 6Q4 F . 26.00 -6.31 -27.68
C1 6Q4 F . 21.29 -10.86 -31.07
N2 6Q4 F . 20.19 -10.13 -31.33
C3 6Q4 F . 20.41 -8.95 -31.90
N4 6Q4 F . 21.61 -8.40 -32.18
N7 6Q4 F . 23.90 -8.60 -32.18
N8 6Q4 F . 19.28 -8.22 -32.17
C9 6Q4 F . 19.06 -7.02 -32.88
C11 6Q4 F . 17.52 -5.51 -33.96
C12 6Q4 F . 18.58 -4.77 -34.47
C14 6Q4 F . 20.12 -6.28 -33.41
O16 6Q4 F . 18.38 -2.45 -34.69
N17 6Q4 F . 18.21 -3.62 -36.61
C18 6Q4 F . 18.21 -4.89 -37.34
C19 6Q4 F . 24.12 -7.25 -32.67
C23 6Q4 F . 25.56 -6.72 -32.37
N25 6Q4 F . 26.31 -6.38 -30.08
O26 6Q4 F . 26.39 -8.47 -30.95
C27 6Q4 F . 26.92 -6.72 -28.80
C29 6Q4 F . 28.28 -6.06 -28.69
C30 6Q4 F . 23.74 -11.33 -31.00
F31 6Q4 F . 24.55 -11.51 -32.06
F32 6Q4 F . 24.52 -10.86 -30.04
F33 6Q4 F . 23.35 -12.54 -30.63
C34 6Q4 F . 18.00 -2.36 -37.43
C35 6Q4 F . 16.58 -2.13 -37.92
C36 6Q4 F . 16.45 -0.77 -38.61
N37 6Q4 F . 17.46 -0.63 -39.70
C38 6Q4 F . 18.85 -0.75 -39.15
C39 6Q4 F . 19.05 -2.12 -38.52
C40 6Q4 F . 17.27 0.64 -40.46
#